data_6OCA
#
_entry.id   6OCA
#
_cell.length_a   193.962
_cell.length_b   50.279
_cell.length_c   111.671
_cell.angle_alpha   90.000
_cell.angle_beta   124.680
_cell.angle_gamma   90.000
#
_symmetry.space_group_name_H-M   'C 1 2 1'
#
loop_
_entity.id
_entity.type
_entity.pdbx_description
1 polymer 'Ricin A chain'
2 polymer 'VHH antibody V2G10'
3 non-polymer 'CHLORIDE ION'
4 non-polymer 'TETRAETHYLENE GLYCOL'
5 non-polymer 1,2-ETHANEDIOL
6 water water
#
loop_
_entity_poly.entity_id
_entity_poly.type
_entity_poly.pdbx_seq_one_letter_code
_entity_poly.pdbx_strand_id
1 'polypeptide(L)'
;PKQYPIINFTTAGATVQSYTNFIRAVRGRLTTGADVRHEIPVLPNRVGLPINQRFILVELSNHAELSVTLALDVTNAYVV
GYRAGNSAYFFHPDNQEDAEAITHLFTDVQNRYTFAFGGNYDRLEQLAGNLRENIELGNGPLEEAISALYYYSTGGTQLP
TLARSFIICIQMISEAARFQYIEGEMRTRIRYNRRSAPDPSVITLENSWGRLSTAIQESNQGAFASPIQLQRRNGSKFSV
YDVSILIPIIALMVYRCAPPPSSQF
;
A,B
2 'polypeptide(L)'
;VQLVETGGGVVQAGGSLRLSCVASGRTFSVSGRTFSDHGLGWFRQAPGKEREFVGSISWSVDGDATYYTDLANSVKGRFT
ISGVNAKNTVYLQMNSLKPEDTAVYYCAAGLRGGTYARTIYEYDYWGQGTQVTVSLEP
;
C,D
#
loop_
_chem_comp.id
_chem_comp.type
_chem_comp.name
_chem_comp.formula
CL non-polymer 'CHLORIDE ION' 'Cl -1'
EDO non-polymer 1,2-ETHANEDIOL 'C2 H6 O2'
PG4 non-polymer 'TETRAETHYLENE GLYCOL' 'C8 H18 O5'
#
# COMPACT_ATOMS: atom_id res chain seq x y z
N GLN A 3 15.40 -8.83 0.19
CA GLN A 3 15.06 -7.44 -0.08
C GLN A 3 15.87 -6.50 0.81
N TYR A 4 15.95 -5.24 0.41
CA TYR A 4 16.61 -4.21 1.21
C TYR A 4 15.61 -3.59 2.19
N PRO A 5 16.12 -2.87 3.20
CA PRO A 5 15.26 -2.19 4.18
C PRO A 5 14.42 -1.08 3.55
N ILE A 6 13.15 -1.03 3.92
CA ILE A 6 12.24 0.00 3.42
C ILE A 6 11.85 0.98 4.53
N ILE A 7 12.00 2.28 4.26
CA ILE A 7 11.50 3.30 5.16
C ILE A 7 10.33 4.04 4.50
N ASN A 8 9.25 4.21 5.24
CA ASN A 8 8.05 4.84 4.71
C ASN A 8 7.90 6.32 5.06
N PHE A 9 7.24 7.07 4.18
CA PHE A 9 6.86 8.44 4.45
C PHE A 9 5.69 8.86 3.58
N THR A 10 4.84 9.72 4.11
CA THR A 10 3.71 10.24 3.35
C THR A 10 3.61 11.75 3.52
N THR A 11 3.21 12.44 2.47
CA THR A 11 3.05 13.88 2.51
C THR A 11 1.66 14.24 3.02
N ALA A 12 0.78 13.26 3.09
CA ALA A 12 -0.58 13.47 3.55
C ALA A 12 -0.61 13.68 5.07
N GLY A 13 -1.02 14.88 5.48
CA GLY A 13 -1.13 15.20 6.90
C GLY A 13 0.22 15.28 7.61
N ALA A 14 1.29 15.39 6.82
CA ALA A 14 2.64 15.44 7.35
C ALA A 14 2.84 16.54 8.38
N THR A 15 3.68 16.27 9.37
CA THR A 15 4.03 17.24 10.40
C THR A 15 5.55 17.29 10.56
N VAL A 16 6.04 18.27 11.30
CA VAL A 16 7.48 18.40 11.55
C VAL A 16 8.00 17.11 12.19
N GLN A 17 7.14 16.46 12.96
CA GLN A 17 7.53 15.27 13.70
C GLN A 17 7.55 14.00 12.84
N SER A 18 6.56 13.87 11.95
CA SER A 18 6.53 12.72 11.05
C SER A 18 7.72 12.78 10.10
N TYR A 19 8.04 13.97 9.64
CA TYR A 19 9.18 14.17 8.75
C TYR A 19 10.49 13.86 9.48
N THR A 20 10.60 14.35 10.72
CA THR A 20 11.79 14.13 11.53
C THR A 20 11.99 12.64 11.82
N ASN A 21 10.90 11.97 12.19
CA ASN A 21 10.96 10.52 12.41
C ASN A 21 11.49 9.82 11.17
N PHE A 22 11.04 10.28 10.01
CA PHE A 22 11.40 9.68 8.74
C PHE A 22 12.90 9.78 8.44
N ILE A 23 13.43 10.99 8.59
CA ILE A 23 14.85 11.23 8.35
C ILE A 23 15.74 10.48 9.34
N ARG A 24 15.38 10.52 10.61
CA ARG A 24 16.11 9.79 11.63
C ARG A 24 16.15 8.30 11.30
N ALA A 25 15.01 7.76 10.88
CA ALA A 25 14.91 6.36 10.50
C ALA A 25 15.82 6.06 9.31
N VAL A 26 15.84 6.95 8.33
CA VAL A 26 16.70 6.80 7.16
C VAL A 26 18.16 6.72 7.59
N ARG A 27 18.60 7.73 8.34
CA ARG A 27 19.96 7.77 8.85
C ARG A 27 20.33 6.47 9.57
N GLY A 28 19.45 6.03 10.45
CA GLY A 28 19.66 4.81 11.20
C GLY A 28 19.98 3.62 10.31
N ARG A 29 19.36 3.58 9.13
CA ARG A 29 19.54 2.46 8.22
C ARG A 29 20.72 2.65 7.27
N LEU A 30 21.17 3.89 7.14
CA LEU A 30 22.27 4.23 6.24
C LEU A 30 23.63 3.81 6.80
N THR A 31 23.81 3.98 8.11
CA THR A 31 25.10 3.75 8.74
C THR A 31 25.01 2.91 10.01
N THR A 32 25.93 1.96 10.14
CA THR A 32 26.04 1.14 11.35
C THR A 32 25.95 1.99 12.60
N GLY A 33 26.58 3.16 12.54
CA GLY A 33 26.69 4.03 13.70
C GLY A 33 28.08 3.88 14.27
N ALA A 34 28.70 2.74 13.98
CA ALA A 34 30.09 2.51 14.33
C ALA A 34 30.96 3.35 13.40
N ASP A 35 32.27 3.31 13.65
CA ASP A 35 33.19 4.16 12.90
C ASP A 35 32.70 5.60 12.86
N VAL A 36 32.78 6.27 14.00
CA VAL A 36 32.46 7.69 14.08
C VAL A 36 33.77 8.48 14.17
N ARG A 37 33.79 9.66 13.57
CA ARG A 37 35.00 10.48 13.60
C ARG A 37 34.68 11.94 13.94
N HIS A 38 35.35 12.44 14.97
CA HIS A 38 35.09 13.78 15.46
C HIS A 38 33.60 13.97 15.75
N GLU A 39 32.97 12.91 16.27
CA GLU A 39 31.58 12.94 16.71
C GLU A 39 30.58 12.77 15.56
N ILE A 40 31.09 12.57 14.34
CA ILE A 40 30.23 12.44 13.17
C ILE A 40 30.31 11.05 12.56
N PRO A 41 29.15 10.37 12.47
CA PRO A 41 29.07 9.03 11.85
C PRO A 41 29.53 9.04 10.40
N VAL A 42 30.29 8.02 10.02
CA VAL A 42 30.80 7.88 8.66
C VAL A 42 30.13 6.71 7.96
N LEU A 43 29.68 6.94 6.73
CA LEU A 43 29.00 5.91 5.94
C LEU A 43 29.93 4.73 5.64
N PRO A 44 29.35 3.54 5.42
CA PRO A 44 30.12 2.34 5.10
C PRO A 44 31.05 2.56 3.90
N ASN A 45 32.23 1.95 3.94
CA ASN A 45 33.16 2.00 2.82
C ASN A 45 32.63 1.20 1.64
N ARG A 46 32.63 1.83 0.46
CA ARG A 46 32.15 1.17 -0.75
C ARG A 46 32.93 -0.12 -1.03
N VAL A 47 34.13 -0.20 -0.46
CA VAL A 47 35.04 -1.32 -0.71
C VAL A 47 34.63 -2.59 0.04
N GLY A 48 34.63 -3.71 -0.68
CA GLY A 48 34.32 -5.00 -0.09
C GLY A 48 32.95 -5.04 0.55
N LEU A 49 32.12 -4.06 0.23
CA LEU A 49 30.79 -3.96 0.80
C LEU A 49 29.82 -4.95 0.13
N PRO A 50 29.37 -5.95 0.89
CA PRO A 50 28.43 -6.97 0.39
C PRO A 50 27.22 -6.32 -0.28
N ILE A 51 26.87 -6.80 -1.47
CA ILE A 51 25.78 -6.18 -2.25
C ILE A 51 24.46 -6.16 -1.49
N ASN A 52 24.21 -7.19 -0.68
CA ASN A 52 22.98 -7.26 0.10
C ASN A 52 22.91 -6.20 1.20
N GLN A 53 23.93 -5.34 1.27
CA GLN A 53 24.00 -4.27 2.25
C GLN A 53 24.24 -2.92 1.59
N ARG A 54 24.32 -2.93 0.26
CA ARG A 54 24.71 -1.74 -0.51
C ARG A 54 23.63 -0.67 -0.58
N PHE A 55 22.36 -1.08 -0.56
CA PHE A 55 21.27 -0.13 -0.74
C PHE A 55 20.22 -0.17 0.37
N ILE A 56 19.41 0.87 0.41
CA ILE A 56 18.20 0.90 1.22
C ILE A 56 17.08 1.50 0.36
N LEU A 57 15.84 1.30 0.77
CA LEU A 57 14.71 1.75 -0.02
C LEU A 57 13.84 2.76 0.72
N VAL A 58 13.40 3.78 -0.01
CA VAL A 58 12.55 4.82 0.57
C VAL A 58 11.22 4.92 -0.17
N GLU A 59 10.16 4.46 0.46
CA GLU A 59 8.84 4.46 -0.15
C GLU A 59 8.05 5.72 0.20
N LEU A 60 7.67 6.47 -0.82
CA LEU A 60 6.97 7.74 -0.64
C LEU A 60 5.54 7.65 -1.14
N SER A 61 4.61 8.26 -0.39
CA SER A 61 3.23 8.37 -0.83
C SER A 61 2.69 9.77 -0.53
N ASN A 62 1.66 10.18 -1.27
CA ASN A 62 1.03 11.47 -1.02
C ASN A 62 -0.49 11.35 -0.88
N HIS A 63 -1.16 12.49 -0.77
CA HIS A 63 -2.60 12.52 -0.52
C HIS A 63 -3.43 11.99 -1.70
N ALA A 64 -2.82 11.87 -2.87
CA ALA A 64 -3.51 11.35 -4.04
C ALA A 64 -3.42 9.82 -4.05
N GLU A 65 -2.97 9.25 -2.94
CA GLU A 65 -2.91 7.80 -2.74
C GLU A 65 -2.00 7.12 -3.75
N LEU A 66 -0.84 7.73 -4.03
CA LEU A 66 0.11 7.17 -4.99
C LEU A 66 1.43 6.79 -4.32
N SER A 67 2.04 5.70 -4.76
CA SER A 67 3.27 5.20 -4.13
C SER A 67 4.46 5.11 -5.09
N VAL A 68 5.62 5.53 -4.61
CA VAL A 68 6.88 5.42 -5.35
C VAL A 68 7.99 4.99 -4.39
N THR A 69 8.95 4.21 -4.87
CA THR A 69 10.04 3.74 -4.02
C THR A 69 11.42 4.12 -4.55
N LEU A 70 12.14 4.94 -3.78
CA LEU A 70 13.47 5.39 -4.13
C LEU A 70 14.54 4.44 -3.61
N ALA A 71 15.59 4.23 -4.40
CA ALA A 71 16.73 3.44 -3.96
C ALA A 71 17.90 4.35 -3.63
N LEU A 72 18.46 4.17 -2.43
CA LEU A 72 19.61 4.96 -2.00
C LEU A 72 20.85 4.08 -1.86
N ASP A 73 22.01 4.64 -2.21
CA ASP A 73 23.28 3.98 -1.96
C ASP A 73 23.77 4.37 -0.58
N VAL A 74 23.95 3.37 0.29
CA VAL A 74 24.30 3.64 1.69
C VAL A 74 25.70 4.25 1.84
N THR A 75 26.52 4.14 0.79
CA THR A 75 27.88 4.65 0.84
C THR A 75 27.98 6.16 0.67
N ASN A 76 26.94 6.76 0.08
CA ASN A 76 26.91 8.20 -0.11
C ASN A 76 25.53 8.82 0.11
N ALA A 77 24.56 7.98 0.42
CA ALA A 77 23.20 8.43 0.74
C ALA A 77 22.48 9.07 -0.45
N TYR A 78 22.96 8.81 -1.66
CA TYR A 78 22.41 9.41 -2.87
C TYR A 78 21.43 8.49 -3.59
N VAL A 79 20.43 9.08 -4.26
CA VAL A 79 19.44 8.33 -5.03
C VAL A 79 20.07 7.76 -6.30
N VAL A 80 19.82 6.48 -6.56
CA VAL A 80 20.39 5.83 -7.75
C VAL A 80 19.30 5.45 -8.75
N GLY A 81 18.06 5.44 -8.28
CA GLY A 81 16.93 5.11 -9.12
C GLY A 81 15.65 4.98 -8.30
N TYR A 82 14.54 4.67 -8.96
CA TYR A 82 13.28 4.52 -8.25
C TYR A 82 12.35 3.50 -8.89
N ARG A 83 11.23 3.25 -8.23
CA ARG A 83 10.24 2.28 -8.68
C ARG A 83 8.83 2.85 -8.57
N ALA A 84 8.10 2.78 -9.68
CA ALA A 84 6.72 3.22 -9.71
C ALA A 84 5.86 2.15 -10.39
N GLY A 85 5.10 1.42 -9.59
CA GLY A 85 4.29 0.33 -10.11
C GLY A 85 5.14 -0.73 -10.79
N ASN A 86 4.86 -0.97 -12.06
CA ASN A 86 5.56 -1.99 -12.84
C ASN A 86 6.85 -1.50 -13.50
N SER A 87 7.31 -0.32 -13.13
CA SER A 87 8.50 0.25 -13.76
C SER A 87 9.56 0.69 -12.76
N ALA A 88 10.82 0.50 -13.15
CA ALA A 88 11.96 0.93 -12.34
C ALA A 88 13.01 1.58 -13.22
N TYR A 89 13.44 2.78 -12.83
CA TYR A 89 14.37 3.55 -13.65
C TYR A 89 15.66 3.87 -12.91
N PHE A 90 16.77 3.94 -13.65
CA PHE A 90 18.08 4.17 -13.04
C PHE A 90 18.88 5.27 -13.73
N PHE A 91 19.56 6.08 -12.93
CA PHE A 91 20.53 7.04 -13.44
C PHE A 91 21.66 6.29 -14.12
N HIS A 92 22.45 7.00 -14.93
CA HIS A 92 23.62 6.41 -15.56
C HIS A 92 24.74 6.28 -14.54
N PRO A 93 25.21 5.04 -14.32
CA PRO A 93 26.26 4.76 -13.33
C PRO A 93 27.60 5.34 -13.74
N ASP A 94 28.39 5.77 -12.76
CA ASP A 94 29.68 6.41 -13.03
C ASP A 94 30.69 5.41 -13.57
N ASN A 95 30.57 4.15 -13.14
CA ASN A 95 31.49 3.10 -13.56
C ASN A 95 30.82 1.73 -13.65
N GLN A 96 31.58 0.73 -14.09
CA GLN A 96 31.03 -0.60 -14.31
C GLN A 96 30.62 -1.29 -13.01
N GLU A 97 31.41 -1.13 -11.96
CA GLU A 97 31.10 -1.72 -10.67
C GLU A 97 29.75 -1.23 -10.14
N ASP A 98 29.53 0.08 -10.23
CA ASP A 98 28.25 0.65 -9.80
C ASP A 98 27.12 0.13 -10.69
N ALA A 99 27.40 0.03 -11.98
CA ALA A 99 26.45 -0.53 -12.93
C ALA A 99 26.10 -1.96 -12.54
N GLU A 100 27.13 -2.76 -12.28
CA GLU A 100 26.94 -4.14 -11.84
C GLU A 100 26.16 -4.19 -10.52
N ALA A 101 26.41 -3.21 -9.66
CA ALA A 101 25.77 -3.17 -8.35
C ALA A 101 24.27 -2.95 -8.43
N ILE A 102 23.85 -1.98 -9.25
CA ILE A 102 22.44 -1.62 -9.34
C ILE A 102 21.57 -2.70 -9.99
N THR A 103 22.20 -3.73 -10.56
CA THR A 103 21.46 -4.84 -11.16
C THR A 103 20.72 -5.63 -10.09
N HIS A 104 21.19 -5.51 -8.85
CA HIS A 104 20.60 -6.21 -7.72
C HIS A 104 19.34 -5.51 -7.20
N LEU A 105 19.04 -4.34 -7.75
CA LEU A 105 17.89 -3.56 -7.29
C LEU A 105 16.62 -3.82 -8.09
N PHE A 106 15.50 -3.91 -7.38
CA PHE A 106 14.19 -4.02 -8.01
C PHE A 106 14.11 -5.14 -9.06
N THR A 107 14.78 -6.26 -8.79
CA THR A 107 14.63 -7.42 -9.65
C THR A 107 13.17 -7.84 -9.61
N ASP A 108 12.42 -7.18 -8.73
CA ASP A 108 11.02 -7.47 -8.50
C ASP A 108 10.16 -7.14 -9.72
N VAL A 109 10.74 -6.48 -10.70
CA VAL A 109 9.95 -6.02 -11.84
C VAL A 109 10.51 -6.40 -13.21
N GLN A 110 9.61 -6.42 -14.20
N GLN A 110 9.64 -6.43 -14.22
CA GLN A 110 9.93 -6.75 -15.58
CA GLN A 110 10.06 -6.79 -15.57
C GLN A 110 10.74 -5.68 -16.26
C GLN A 110 10.78 -5.66 -16.28
N ASN A 111 10.23 -4.45 -16.21
CA ASN A 111 10.80 -3.33 -16.94
C ASN A 111 11.87 -2.55 -16.17
N ARG A 112 13.11 -2.67 -16.63
CA ARG A 112 14.23 -1.99 -15.99
C ARG A 112 14.91 -1.07 -17.00
N TYR A 113 14.86 0.23 -16.73
CA TYR A 113 15.44 1.21 -17.65
C TYR A 113 16.63 1.93 -17.03
N THR A 114 17.63 2.23 -17.86
CA THR A 114 18.75 3.06 -17.43
C THR A 114 18.86 4.32 -18.31
N PHE A 115 18.74 5.48 -17.66
CA PHE A 115 18.79 6.76 -18.37
C PHE A 115 20.18 7.03 -18.93
N ALA A 116 20.24 7.87 -19.96
CA ALA A 116 21.50 8.27 -20.56
C ALA A 116 22.21 9.29 -19.67
N PHE A 117 21.46 9.87 -18.74
CA PHE A 117 22.01 10.91 -17.86
C PHE A 117 22.22 10.42 -16.44
N GLY A 118 23.19 11.03 -15.77
CA GLY A 118 23.49 10.74 -14.38
C GLY A 118 22.62 11.54 -13.43
N GLY A 119 22.94 11.48 -12.15
CA GLY A 119 22.14 12.11 -11.13
C GLY A 119 22.65 13.44 -10.61
N ASN A 120 23.82 13.86 -11.10
CA ASN A 120 24.41 15.13 -10.69
C ASN A 120 23.46 16.31 -10.92
N TYR A 121 23.42 17.23 -9.95
CA TYR A 121 22.55 18.40 -10.01
C TYR A 121 22.64 19.16 -11.34
N ASP A 122 23.87 19.35 -11.82
CA ASP A 122 24.12 20.08 -13.04
C ASP A 122 23.30 19.54 -14.23
N ARG A 123 23.33 18.22 -14.43
CA ARG A 123 22.59 17.60 -15.52
C ARG A 123 21.08 17.75 -15.35
N LEU A 124 20.60 17.46 -14.14
CA LEU A 124 19.17 17.52 -13.83
C LEU A 124 18.61 18.94 -13.96
N GLU A 125 19.41 19.93 -13.56
CA GLU A 125 19.02 21.32 -13.65
C GLU A 125 18.90 21.73 -15.12
N GLN A 126 19.79 21.21 -15.96
CA GLN A 126 19.74 21.46 -17.39
C GLN A 126 18.45 20.92 -18.00
N LEU A 127 18.13 19.67 -17.67
CA LEU A 127 16.90 19.06 -18.13
C LEU A 127 15.69 19.79 -17.56
N ALA A 128 15.75 20.09 -16.27
CA ALA A 128 14.67 20.79 -15.59
C ALA A 128 14.47 22.18 -16.19
N GLY A 129 15.55 22.77 -16.68
CA GLY A 129 15.49 24.12 -17.20
C GLY A 129 15.45 25.11 -16.06
N ASN A 130 15.80 24.63 -14.87
CA ASN A 130 15.84 25.46 -13.67
C ASN A 130 16.94 25.02 -12.72
N LEU A 131 17.55 25.99 -12.05
CA LEU A 131 18.58 25.70 -11.06
C LEU A 131 17.93 25.40 -9.71
N ARG A 132 18.68 24.76 -8.83
CA ARG A 132 18.17 24.45 -7.49
C ARG A 132 17.62 25.70 -6.80
N GLU A 133 18.25 26.84 -7.04
CA GLU A 133 17.86 28.07 -6.37
C GLU A 133 16.46 28.54 -6.73
N ASN A 134 15.91 28.00 -7.82
CA ASN A 134 14.62 28.43 -8.33
C ASN A 134 13.56 27.35 -8.28
N ILE A 135 13.91 26.23 -7.67
CA ILE A 135 12.99 25.11 -7.53
C ILE A 135 12.52 24.99 -6.08
N GLU A 136 11.22 25.19 -5.87
CA GLU A 136 10.66 25.23 -4.52
C GLU A 136 10.68 23.88 -3.82
N LEU A 137 10.99 23.93 -2.53
CA LEU A 137 10.99 22.72 -1.70
C LEU A 137 9.94 22.84 -0.60
N GLY A 138 9.56 21.70 -0.02
CA GLY A 138 8.52 21.67 0.98
C GLY A 138 7.62 20.47 0.80
N ASN A 139 6.62 20.33 1.67
CA ASN A 139 5.68 19.23 1.58
C ASN A 139 4.86 19.31 0.29
N GLY A 140 4.56 20.53 -0.13
CA GLY A 140 3.79 20.76 -1.33
C GLY A 140 4.48 20.23 -2.57
N PRO A 141 5.70 20.71 -2.84
CA PRO A 141 6.51 20.23 -3.97
C PRO A 141 6.75 18.72 -3.93
N LEU A 142 6.94 18.16 -2.73
CA LEU A 142 7.22 16.73 -2.60
C LEU A 142 6.00 15.91 -3.01
N GLU A 143 4.82 16.38 -2.62
CA GLU A 143 3.57 15.73 -2.99
C GLU A 143 3.42 15.71 -4.50
N GLU A 144 3.81 16.80 -5.15
CA GLU A 144 3.71 16.92 -6.60
C GLU A 144 4.84 16.16 -7.29
N ALA A 145 5.98 16.04 -6.62
CA ALA A 145 7.10 15.28 -7.14
C ALA A 145 6.73 13.80 -7.22
N ILE A 146 6.06 13.32 -6.19
CA ILE A 146 5.69 11.91 -6.10
C ILE A 146 4.72 11.51 -7.21
N SER A 147 3.74 12.36 -7.48
CA SER A 147 2.78 12.13 -8.57
C SER A 147 3.49 12.00 -9.90
N ALA A 148 4.37 12.97 -10.19
CA ALA A 148 5.11 13.00 -11.46
C ALA A 148 5.92 11.72 -11.68
N LEU A 149 6.75 11.37 -10.70
CA LEU A 149 7.55 10.15 -10.79
C LEU A 149 6.65 8.96 -11.08
N TYR A 150 5.45 9.00 -10.51
CA TYR A 150 4.50 7.89 -10.59
C TYR A 150 3.88 7.75 -11.98
N TYR A 151 3.62 8.88 -12.63
CA TYR A 151 2.96 8.86 -13.94
C TYR A 151 3.92 8.91 -15.11
N TYR A 152 5.19 8.61 -14.88
CA TYR A 152 6.20 8.77 -15.93
C TYR A 152 6.16 7.66 -16.98
N SER A 153 5.51 6.55 -16.66
CA SER A 153 5.44 5.42 -17.59
C SER A 153 4.40 5.66 -18.67
N THR A 154 3.59 6.71 -18.50
CA THR A 154 2.50 6.99 -19.42
C THR A 154 2.86 8.05 -20.45
N GLY A 155 4.00 8.68 -20.29
CA GLY A 155 4.42 9.76 -21.16
C GLY A 155 3.72 11.05 -20.81
N GLY A 156 2.94 11.02 -19.73
CA GLY A 156 2.14 12.16 -19.30
C GLY A 156 2.93 13.21 -18.55
N THR A 157 4.01 12.79 -17.90
CA THR A 157 4.90 13.74 -17.23
C THR A 157 6.18 13.90 -18.04
N GLN A 158 6.46 15.13 -18.43
CA GLN A 158 7.59 15.43 -19.30
C GLN A 158 8.92 15.35 -18.54
N LEU A 159 10.01 15.17 -19.27
CA LEU A 159 11.33 14.96 -18.68
C LEU A 159 11.79 16.10 -17.76
N PRO A 160 11.52 17.36 -18.15
CA PRO A 160 11.88 18.47 -17.27
C PRO A 160 11.17 18.35 -15.92
N THR A 161 9.88 18.02 -15.95
CA THR A 161 9.10 17.84 -14.73
C THR A 161 9.68 16.70 -13.90
N LEU A 162 10.17 15.67 -14.58
CA LEU A 162 10.79 14.53 -13.92
C LEU A 162 12.12 14.94 -13.28
N ALA A 163 12.90 15.74 -14.00
CA ALA A 163 14.19 16.22 -13.52
C ALA A 163 14.00 17.12 -12.31
N ARG A 164 13.02 18.02 -12.39
CA ARG A 164 12.69 18.89 -11.28
C ARG A 164 12.28 18.07 -10.06
N SER A 165 11.58 16.98 -10.30
CA SER A 165 11.09 16.11 -9.24
C SER A 165 12.24 15.35 -8.58
N PHE A 166 13.24 15.00 -9.37
CA PHE A 166 14.43 14.32 -8.85
C PHE A 166 15.22 15.25 -7.94
N ILE A 167 15.31 16.52 -8.34
CA ILE A 167 16.01 17.53 -7.56
C ILE A 167 15.33 17.76 -6.21
N ILE A 168 14.01 17.75 -6.22
CA ILE A 168 13.23 17.94 -5.00
C ILE A 168 13.40 16.76 -4.04
N CYS A 169 13.24 15.55 -4.56
CA CYS A 169 13.39 14.35 -3.74
C CYS A 169 14.79 14.22 -3.15
N ILE A 170 15.80 14.39 -3.99
CA ILE A 170 17.19 14.27 -3.56
C ILE A 170 17.50 15.21 -2.40
N GLN A 171 17.04 16.45 -2.50
CA GLN A 171 17.32 17.46 -1.48
C GLN A 171 16.57 17.20 -0.18
N MET A 172 15.29 16.85 -0.29
CA MET A 172 14.45 16.64 0.88
C MET A 172 14.74 15.31 1.57
N ILE A 173 15.49 14.44 0.91
CA ILE A 173 15.81 13.12 1.46
C ILE A 173 17.30 12.90 1.64
N SER A 174 18.04 12.83 0.54
CA SER A 174 19.47 12.58 0.60
C SER A 174 20.23 13.66 1.37
N GLU A 175 19.98 14.92 1.02
CA GLU A 175 20.68 16.04 1.66
C GLU A 175 20.22 16.23 3.10
N ALA A 176 18.93 16.07 3.33
CA ALA A 176 18.37 16.17 4.68
C ALA A 176 19.03 15.14 5.59
N ALA A 177 19.26 13.94 5.06
CA ALA A 177 19.91 12.88 5.80
C ALA A 177 21.36 13.22 6.11
N ARG A 178 22.01 13.92 5.18
CA ARG A 178 23.42 14.26 5.31
C ARG A 178 23.64 15.42 6.28
N PHE A 179 22.71 16.37 6.29
CA PHE A 179 22.87 17.60 7.08
C PHE A 179 21.67 17.84 7.99
N GLN A 180 21.90 17.92 9.30
CA GLN A 180 20.85 18.33 10.22
C GLN A 180 20.34 19.68 9.78
N TYR A 181 21.25 20.51 9.30
CA TYR A 181 20.90 21.85 8.84
C TYR A 181 19.77 21.82 7.82
N ILE A 182 19.92 20.96 6.81
CA ILE A 182 18.93 20.86 5.74
C ILE A 182 17.65 20.16 6.21
N GLU A 183 17.78 19.22 7.13
CA GLU A 183 16.59 18.63 7.74
C GLU A 183 15.79 19.73 8.40
N GLY A 184 16.48 20.57 9.15
CA GLY A 184 15.85 21.69 9.82
C GLY A 184 15.26 22.69 8.84
N GLU A 185 15.81 22.71 7.63
CA GLU A 185 15.31 23.61 6.59
C GLU A 185 13.96 23.13 6.05
N MET A 186 13.78 21.81 5.98
CA MET A 186 12.51 21.24 5.57
C MET A 186 11.51 21.31 6.70
N ARG A 187 11.97 21.07 7.91
CA ARG A 187 11.12 21.14 9.10
C ARG A 187 10.44 22.52 9.17
N THR A 188 11.23 23.57 8.98
CA THR A 188 10.71 24.93 9.04
C THR A 188 9.64 25.16 7.98
N ARG A 189 9.90 24.67 6.77
CA ARG A 189 8.94 24.75 5.68
C ARG A 189 7.66 23.99 6.03
N ILE A 190 7.81 22.81 6.60
CA ILE A 190 6.67 21.95 6.94
C ILE A 190 5.86 22.52 8.10
N ARG A 191 6.55 23.03 9.12
CA ARG A 191 5.89 23.64 10.26
C ARG A 191 4.94 24.76 9.84
N TYR A 192 5.44 25.66 9.01
CA TYR A 192 4.66 26.82 8.58
C TYR A 192 3.94 26.56 7.26
N ASN A 193 4.06 25.33 6.78
CA ASN A 193 3.39 24.91 5.55
C ASN A 193 3.64 25.83 4.37
N ARG A 194 4.89 26.28 4.25
CA ARG A 194 5.28 27.09 3.10
C ARG A 194 6.23 26.29 2.22
N ARG A 195 6.26 26.66 0.94
CA ARG A 195 7.21 26.09 0.01
C ARG A 195 8.13 27.20 -0.49
N SER A 196 9.41 26.89 -0.63
CA SER A 196 10.38 27.87 -1.06
C SER A 196 11.69 27.21 -1.49
N ALA A 197 12.40 27.86 -2.40
CA ALA A 197 13.67 27.32 -2.88
C ALA A 197 14.74 27.39 -1.81
N PRO A 198 15.76 26.53 -1.92
CA PRO A 198 16.89 26.53 -0.99
C PRO A 198 17.78 27.76 -1.21
N ASP A 199 18.23 28.38 -0.12
CA ASP A 199 19.10 29.54 -0.22
C ASP A 199 20.57 29.12 -0.35
N PRO A 200 21.46 30.08 -0.68
CA PRO A 200 22.87 29.79 -0.95
C PRO A 200 23.59 28.96 0.11
N SER A 201 23.12 29.01 1.37
CA SER A 201 23.76 28.24 2.43
C SER A 201 23.47 26.75 2.29
N VAL A 202 22.24 26.43 1.91
CA VAL A 202 21.86 25.05 1.62
C VAL A 202 22.62 24.53 0.40
N ILE A 203 22.61 25.33 -0.66
CA ILE A 203 23.22 24.93 -1.93
C ILE A 203 24.73 24.70 -1.83
N THR A 204 25.43 25.56 -1.13
CA THR A 204 26.89 25.42 -1.00
C THR A 204 27.29 24.24 -0.12
N LEU A 205 26.45 23.90 0.86
CA LEU A 205 26.68 22.72 1.67
C LEU A 205 26.53 21.47 0.82
N GLU A 206 25.53 21.46 -0.05
CA GLU A 206 25.31 20.37 -0.98
C GLU A 206 26.52 20.16 -1.89
N ASN A 207 27.00 21.26 -2.47
CA ASN A 207 28.18 21.22 -3.33
C ASN A 207 29.42 20.69 -2.60
N SER A 208 29.51 20.98 -1.31
CA SER A 208 30.76 20.79 -0.57
C SER A 208 30.81 19.54 0.30
N TRP A 209 29.72 18.77 0.34
CA TRP A 209 29.61 17.62 1.23
C TRP A 209 30.77 16.64 1.09
N GLY A 210 31.14 16.33 -0.15
CA GLY A 210 32.26 15.44 -0.39
C GLY A 210 33.55 16.00 0.15
N ARG A 211 33.78 17.29 -0.09
CA ARG A 211 35.01 17.96 0.32
C ARG A 211 35.08 18.14 1.83
N LEU A 212 33.94 18.45 2.45
CA LEU A 212 33.89 18.59 3.90
C LEU A 212 34.23 17.27 4.56
N SER A 213 33.62 16.19 4.08
CA SER A 213 33.89 14.85 4.59
C SER A 213 35.39 14.56 4.55
N THR A 214 36.02 14.86 3.43
CA THR A 214 37.44 14.61 3.25
C THR A 214 38.30 15.38 4.25
N ALA A 215 38.02 16.67 4.40
CA ALA A 215 38.80 17.54 5.27
C ALA A 215 38.71 17.12 6.73
N ILE A 216 37.53 16.70 7.16
CA ILE A 216 37.31 16.31 8.55
C ILE A 216 38.08 15.05 8.92
N GLN A 217 38.01 14.04 8.06
CA GLN A 217 38.63 12.75 8.32
C GLN A 217 40.15 12.77 8.14
N GLU A 218 40.64 13.72 7.37
CA GLU A 218 42.09 13.87 7.16
C GLU A 218 42.65 14.98 8.02
N SER A 219 41.76 15.72 8.69
CA SER A 219 42.16 16.84 9.53
C SER A 219 43.13 16.42 10.60
N ASN A 220 44.06 17.32 10.94
CA ASN A 220 44.95 17.12 12.07
C ASN A 220 44.19 17.40 13.36
N GLN A 221 43.63 16.35 13.96
CA GLN A 221 42.83 16.48 15.18
C GLN A 221 41.79 17.60 15.12
N GLY A 222 41.05 17.68 14.01
CA GLY A 222 39.97 18.63 13.88
C GLY A 222 40.28 19.81 12.97
N ALA A 223 41.54 20.23 12.96
CA ALA A 223 41.96 21.38 12.16
C ALA A 223 42.21 21.01 10.70
N PHE A 224 41.46 21.63 9.80
CA PHE A 224 41.65 21.43 8.37
C PHE A 224 43.03 21.94 7.96
N ALA A 225 43.66 21.27 7.00
CA ALA A 225 44.91 21.74 6.45
C ALA A 225 44.67 23.10 5.80
N SER A 226 43.63 23.18 4.98
CA SER A 226 43.21 24.43 4.36
C SER A 226 41.71 24.60 4.48
N PRO A 227 41.25 25.82 4.79
CA PRO A 227 39.84 26.09 5.05
C PRO A 227 38.94 25.84 3.85
N ILE A 228 37.65 25.62 4.10
CA ILE A 228 36.67 25.46 3.05
C ILE A 228 35.68 26.62 3.06
N GLN A 229 35.37 27.14 1.88
CA GLN A 229 34.54 28.34 1.76
C GLN A 229 33.07 28.03 1.49
N LEU A 230 32.20 28.60 2.31
CA LEU A 230 30.76 28.41 2.15
C LEU A 230 30.07 29.76 2.02
N GLN A 231 28.74 29.74 1.91
CA GLN A 231 27.97 30.97 1.79
C GLN A 231 26.87 31.03 2.86
N ARG A 232 26.54 32.25 3.26
CA ARG A 232 25.45 32.47 4.21
C ARG A 232 24.14 32.62 3.46
N ARG A 233 23.04 32.75 4.18
CA ARG A 233 21.72 32.89 3.56
C ARG A 233 21.68 34.07 2.59
N ASN A 234 22.46 35.12 2.90
CA ASN A 234 22.47 36.32 2.07
C ASN A 234 23.50 36.26 0.95
N GLY A 235 24.12 35.10 0.78
CA GLY A 235 25.04 34.88 -0.32
C GLY A 235 26.47 35.29 -0.03
N SER A 236 26.66 36.07 1.02
CA SER A 236 28.00 36.47 1.43
C SER A 236 28.80 35.23 1.77
N LYS A 237 30.11 35.29 1.55
CA LYS A 237 30.97 34.13 1.73
C LYS A 237 31.73 34.15 3.05
N PHE A 238 32.06 32.96 3.54
CA PHE A 238 32.85 32.80 4.76
C PHE A 238 33.50 31.42 4.76
N SER A 239 34.57 31.26 5.55
CA SER A 239 35.30 30.01 5.56
C SER A 239 35.21 29.27 6.89
N VAL A 240 35.38 27.95 6.83
CA VAL A 240 35.45 27.12 8.02
C VAL A 240 36.84 26.49 8.12
N TYR A 241 37.38 26.41 9.33
CA TYR A 241 38.77 26.01 9.53
C TYR A 241 38.92 24.73 10.32
N ASP A 242 37.83 24.24 10.90
CA ASP A 242 37.86 23.02 11.69
C ASP A 242 36.48 22.39 11.84
N VAL A 243 36.45 21.16 12.33
CA VAL A 243 35.23 20.37 12.42
C VAL A 243 34.23 20.91 13.45
N SER A 244 34.74 21.50 14.52
CA SER A 244 33.89 21.91 15.64
C SER A 244 32.68 22.74 15.22
N ILE A 245 32.85 23.58 14.21
CA ILE A 245 31.77 24.46 13.76
C ILE A 245 30.74 23.69 12.94
N LEU A 246 31.07 22.45 12.58
CA LEU A 246 30.23 21.65 11.69
C LEU A 246 29.40 20.60 12.43
N ILE A 247 29.69 20.39 13.71
CA ILE A 247 29.01 19.36 14.50
C ILE A 247 27.48 19.45 14.43
N PRO A 248 26.92 20.66 14.64
CA PRO A 248 25.46 20.79 14.59
C PRO A 248 24.94 20.93 13.17
N ILE A 249 25.78 20.66 12.17
CA ILE A 249 25.39 20.91 10.78
C ILE A 249 25.42 19.66 9.90
N ILE A 250 26.54 18.94 9.89
CA ILE A 250 26.67 17.74 9.09
C ILE A 250 26.37 16.50 9.94
N ALA A 251 25.62 15.56 9.36
CA ALA A 251 25.16 14.39 10.10
C ALA A 251 25.84 13.10 9.65
N LEU A 252 26.15 13.00 8.36
CA LEU A 252 26.83 11.84 7.83
C LEU A 252 27.99 12.29 6.93
N MET A 253 29.02 11.45 6.83
CA MET A 253 30.13 11.71 5.93
C MET A 253 30.40 10.49 5.06
N VAL A 254 30.87 10.73 3.83
CA VAL A 254 31.29 9.64 2.97
C VAL A 254 32.62 9.09 3.47
N TYR A 255 32.76 7.77 3.49
CA TYR A 255 33.97 7.15 4.01
C TYR A 255 35.22 7.55 3.21
N ARG A 256 36.30 7.79 3.94
CA ARG A 256 37.59 8.08 3.34
C ARG A 256 38.64 7.37 4.18
N CYS A 257 39.88 7.34 3.68
CA CYS A 257 41.01 6.89 4.49
C CYS A 257 41.38 8.01 5.46
N ALA A 258 42.05 7.68 6.55
CA ALA A 258 42.51 6.32 6.83
C ALA A 258 41.36 5.37 7.16
N VAL B 1 32.30 24.61 -17.73
CA VAL B 1 31.47 24.31 -18.88
C VAL B 1 32.32 23.90 -20.09
N GLN B 2 33.46 24.56 -20.27
CA GLN B 2 34.40 24.21 -21.33
C GLN B 2 35.84 24.61 -20.97
N LEU B 3 36.75 23.64 -21.01
CA LEU B 3 38.12 23.86 -20.59
C LEU B 3 39.11 23.44 -21.68
N VAL B 4 40.10 24.28 -21.95
CA VAL B 4 41.16 23.93 -22.89
C VAL B 4 42.55 24.05 -22.27
N GLU B 5 43.25 22.93 -22.18
CA GLU B 5 44.60 22.91 -21.62
C GLU B 5 45.66 23.08 -22.71
N THR B 6 46.72 23.82 -22.38
CA THR B 6 47.83 24.04 -23.30
C THR B 6 49.14 23.93 -22.51
N GLY B 7 50.26 24.17 -23.20
CA GLY B 7 51.56 24.15 -22.54
C GLY B 7 52.24 22.81 -22.60
N GLY B 8 51.50 21.78 -23.02
CA GLY B 8 52.07 20.45 -23.19
C GLY B 8 53.21 20.48 -24.18
N GLY B 9 54.18 19.57 -24.01
CA GLY B 9 55.31 19.51 -24.91
C GLY B 9 56.40 18.55 -24.44
N VAL B 10 57.52 18.56 -25.14
CA VAL B 10 58.63 17.69 -24.81
C VAL B 10 59.67 18.42 -23.96
N VAL B 11 60.01 17.82 -22.83
CA VAL B 11 60.97 18.41 -21.90
C VAL B 11 62.12 17.44 -21.65
N GLN B 12 63.30 17.98 -21.33
CA GLN B 12 64.42 17.15 -20.94
C GLN B 12 64.27 16.71 -19.49
N ALA B 13 64.80 15.54 -19.17
CA ALA B 13 64.66 14.97 -17.83
C ALA B 13 65.30 15.87 -16.78
N GLY B 14 64.51 16.24 -15.78
CA GLY B 14 64.99 17.11 -14.71
C GLY B 14 64.70 18.58 -14.99
N GLY B 15 63.91 18.84 -16.02
CA GLY B 15 63.57 20.21 -16.40
C GLY B 15 62.26 20.66 -15.80
N SER B 16 61.76 21.80 -16.28
CA SER B 16 60.52 22.38 -15.78
C SER B 16 59.54 22.69 -16.91
N LEU B 17 58.24 22.66 -16.58
CA LEU B 17 57.20 22.95 -17.57
C LEU B 17 55.94 23.47 -16.88
N ARG B 18 55.28 24.43 -17.50
CA ARG B 18 54.06 25.00 -16.95
C ARG B 18 52.87 24.74 -17.86
N LEU B 19 51.88 24.02 -17.35
CA LEU B 19 50.66 23.79 -18.10
C LEU B 19 49.65 24.91 -17.83
N SER B 20 48.77 25.14 -18.79
CA SER B 20 47.76 26.20 -18.67
C SER B 20 46.39 25.70 -19.08
N CYS B 21 45.36 26.10 -18.34
CA CYS B 21 43.99 25.76 -18.68
C CYS B 21 43.07 26.97 -18.51
N VAL B 22 42.38 27.33 -19.58
CA VAL B 22 41.46 28.46 -19.54
C VAL B 22 40.01 27.98 -19.66
N ALA B 23 39.14 28.52 -18.83
CA ALA B 23 37.75 28.10 -18.80
C ALA B 23 36.82 29.15 -19.37
N SER B 24 35.79 28.70 -20.08
CA SER B 24 34.79 29.59 -20.65
C SER B 24 33.48 28.83 -20.85
N GLY B 25 32.37 29.56 -20.83
CA GLY B 25 31.07 28.95 -21.06
C GLY B 25 29.93 29.65 -20.34
N ARG B 26 28.71 29.38 -20.77
CA ARG B 26 27.51 29.87 -20.08
C ARG B 26 27.57 29.45 -18.62
N THR B 27 26.95 30.26 -17.76
CA THR B 27 26.83 29.98 -16.32
C THR B 27 27.94 30.59 -15.45
N PHE B 28 28.94 31.18 -16.09
CA PHE B 28 30.06 31.78 -15.36
C PHE B 28 29.87 33.19 -14.76
N SER B 29 28.77 33.89 -15.05
CA SER B 29 27.69 33.42 -15.90
C SER B 29 27.83 33.92 -17.33
N GLY B 32 26.85 33.12 -7.54
CA GLY B 32 26.18 31.86 -7.83
C GLY B 32 27.11 30.82 -8.42
N ARG B 33 27.19 30.80 -9.75
CA ARG B 33 27.97 29.80 -10.46
C ARG B 33 29.14 30.42 -11.23
N THR B 34 29.64 31.55 -10.73
CA THR B 34 30.78 32.21 -11.37
C THR B 34 31.97 31.26 -11.42
N PHE B 35 32.96 31.60 -12.22
CA PHE B 35 34.19 30.82 -12.31
C PHE B 35 34.77 30.60 -10.91
N SER B 36 34.65 31.64 -10.09
CA SER B 36 35.20 31.61 -8.74
C SER B 36 34.50 30.59 -7.84
N ASP B 37 33.28 30.20 -8.21
CA ASP B 37 32.51 29.25 -7.42
C ASP B 37 32.74 27.82 -7.87
N HIS B 38 33.59 27.65 -8.87
CA HIS B 38 33.99 26.33 -9.33
C HIS B 38 35.36 25.97 -8.78
N GLY B 39 35.53 24.68 -8.45
CA GLY B 39 36.84 24.16 -8.09
C GLY B 39 37.49 23.49 -9.29
N LEU B 40 38.80 23.59 -9.38
CA LEU B 40 39.54 23.03 -10.51
C LEU B 40 40.49 21.93 -10.04
N GLY B 41 40.78 20.96 -10.92
CA GLY B 41 41.69 19.88 -10.58
C GLY B 41 42.46 19.30 -11.76
N TRP B 42 43.75 19.05 -11.57
CA TRP B 42 44.59 18.46 -12.61
C TRP B 42 44.72 16.94 -12.44
N PHE B 43 44.57 16.21 -13.53
CA PHE B 43 44.79 14.76 -13.55
C PHE B 43 45.76 14.40 -14.66
N ARG B 44 46.19 13.14 -14.69
CA ARG B 44 47.04 12.66 -15.79
C ARG B 44 46.77 11.21 -16.16
N GLU B 50 45.25 4.58 -16.90
CA GLU B 50 44.32 5.10 -15.92
C GLU B 50 44.55 6.59 -15.70
N ARG B 51 43.68 7.20 -14.90
CA ARG B 51 43.79 8.62 -14.59
C ARG B 51 44.15 8.84 -13.13
N GLU B 52 45.22 9.61 -12.90
CA GLU B 52 45.70 9.87 -11.55
C GLU B 52 45.47 11.32 -11.14
N PHE B 53 45.16 11.53 -9.87
CA PHE B 53 45.00 12.88 -9.33
C PHE B 53 46.35 13.55 -9.17
N VAL B 54 46.47 14.76 -9.71
CA VAL B 54 47.71 15.52 -9.63
C VAL B 54 47.64 16.60 -8.56
N GLY B 55 46.61 17.43 -8.64
CA GLY B 55 46.40 18.51 -7.69
C GLY B 55 45.20 19.34 -8.03
N SER B 56 44.61 19.98 -7.03
CA SER B 56 43.42 20.80 -7.24
C SER B 56 43.58 22.21 -6.66
N ILE B 57 42.58 23.05 -6.89
CA ILE B 57 42.62 24.43 -6.43
C ILE B 57 41.23 24.97 -6.12
N SER B 58 41.11 25.68 -5.01
CA SER B 58 39.88 26.36 -4.64
C SER B 58 40.14 27.85 -4.47
N TRP B 59 39.15 28.67 -4.80
CA TRP B 59 39.30 30.12 -4.70
C TRP B 59 38.85 30.63 -3.34
N SER B 60 39.51 31.68 -2.86
CA SER B 60 39.23 32.23 -1.52
C SER B 60 39.17 33.75 -1.53
N VAL B 61 38.16 34.30 -0.86
CA VAL B 61 38.05 35.74 -0.69
C VAL B 61 38.34 36.14 0.75
N ASP B 62 38.74 35.16 1.57
CA ASP B 62 39.11 35.45 2.95
C ASP B 62 40.30 36.42 2.97
N GLY B 63 40.80 36.72 4.16
CA GLY B 63 41.83 37.72 4.30
C GLY B 63 43.23 37.28 3.89
N ASP B 64 43.53 35.99 4.08
CA ASP B 64 44.90 35.50 3.96
C ASP B 64 45.35 35.13 2.54
N ALA B 65 44.56 34.34 1.83
CA ALA B 65 44.95 33.90 0.49
C ALA B 65 43.85 34.14 -0.56
N THR B 66 44.27 34.25 -1.81
CA THR B 66 43.33 34.42 -2.92
C THR B 66 42.90 33.06 -3.46
N TYR B 67 43.60 32.02 -3.01
CA TYR B 67 43.25 30.64 -3.35
C TYR B 67 44.01 29.64 -2.49
N TYR B 68 43.51 28.40 -2.45
CA TYR B 68 44.17 27.32 -1.73
C TYR B 68 44.35 26.12 -2.66
N THR B 69 45.47 25.40 -2.50
CA THR B 69 45.78 24.28 -3.38
C THR B 69 45.87 22.95 -2.63
N ASP B 70 45.93 21.86 -3.39
CA ASP B 70 46.00 20.52 -2.81
C ASP B 70 46.75 19.60 -3.76
N LEU B 71 47.91 19.11 -3.31
CA LEU B 71 48.79 18.32 -4.18
C LEU B 71 48.90 16.87 -3.71
N ALA B 72 48.86 15.94 -4.66
CA ALA B 72 49.11 14.54 -4.37
C ALA B 72 50.52 14.39 -3.79
N ASN B 73 50.67 13.49 -2.83
CA ASN B 73 51.95 13.32 -2.13
C ASN B 73 53.17 13.22 -3.04
N SER B 74 53.11 12.31 -4.02
CA SER B 74 54.23 12.07 -4.92
C SER B 74 54.71 13.33 -5.62
N VAL B 75 53.85 14.35 -5.64
CA VAL B 75 54.07 15.56 -6.43
C VAL B 75 54.42 16.78 -5.58
N LYS B 76 54.09 16.70 -4.29
CA LYS B 76 54.25 17.83 -3.37
C LYS B 76 55.47 18.72 -3.57
N GLY B 77 56.67 18.13 -3.45
CA GLY B 77 57.89 18.91 -3.49
C GLY B 77 58.40 19.28 -4.87
N ARG B 78 57.52 19.20 -5.86
CA ARG B 78 57.93 19.44 -7.24
C ARG B 78 56.95 20.33 -8.00
N PHE B 79 55.68 19.93 -8.00
CA PHE B 79 54.66 20.68 -8.71
C PHE B 79 54.00 21.72 -7.81
N THR B 80 53.54 22.81 -8.43
CA THR B 80 52.82 23.84 -7.73
C THR B 80 51.64 24.27 -8.60
N ILE B 81 50.60 24.79 -7.97
CA ILE B 81 49.43 25.25 -8.70
C ILE B 81 49.07 26.67 -8.30
N SER B 82 48.73 27.48 -9.31
CA SER B 82 48.31 28.85 -9.07
C SER B 82 47.16 29.17 -10.00
N GLY B 83 46.65 30.39 -9.91
CA GLY B 83 45.55 30.80 -10.77
C GLY B 83 45.35 32.29 -10.80
N VAL B 84 44.75 32.76 -11.89
CA VAL B 84 44.32 34.14 -12.01
C VAL B 84 42.81 34.14 -12.23
N ASN B 85 42.07 34.45 -11.16
CA ASN B 85 40.61 34.36 -11.20
C ASN B 85 39.95 35.24 -12.26
N ALA B 86 40.47 36.46 -12.43
CA ALA B 86 39.89 37.41 -13.37
C ALA B 86 40.02 36.96 -14.82
N LYS B 87 40.95 36.04 -15.08
CA LYS B 87 41.18 35.55 -16.44
C LYS B 87 40.69 34.12 -16.62
N ASN B 88 39.92 33.62 -15.66
CA ASN B 88 39.39 32.27 -15.72
C ASN B 88 40.46 31.26 -16.10
N THR B 89 41.65 31.39 -15.49
CA THR B 89 42.78 30.55 -15.84
C THR B 89 43.42 29.91 -14.62
N VAL B 90 43.87 28.67 -14.77
CA VAL B 90 44.60 27.98 -13.71
C VAL B 90 45.89 27.38 -14.27
N TYR B 91 46.94 27.34 -13.46
CA TYR B 91 48.24 26.85 -13.92
C TYR B 91 48.73 25.63 -13.17
N LEU B 92 49.60 24.85 -13.82
CA LEU B 92 50.28 23.73 -13.18
C LEU B 92 51.78 23.80 -13.45
N GLN B 93 52.54 24.20 -12.43
CA GLN B 93 53.98 24.33 -12.56
C GLN B 93 54.71 23.05 -12.16
N MET B 94 55.41 22.45 -13.11
CA MET B 94 56.08 21.17 -12.89
C MET B 94 57.60 21.30 -12.92
N ASN B 95 58.22 21.09 -11.75
CA ASN B 95 59.69 21.14 -11.65
C ASN B 95 60.29 19.76 -11.38
N SER B 96 61.52 19.56 -11.83
CA SER B 96 62.20 18.28 -11.69
C SER B 96 61.41 17.16 -12.35
N LEU B 97 61.15 17.31 -13.65
CA LEU B 97 60.38 16.34 -14.41
C LEU B 97 61.13 15.02 -14.54
N LYS B 98 60.38 13.93 -14.69
CA LYS B 98 60.96 12.60 -14.79
C LYS B 98 60.43 11.83 -15.99
N ASP B 101 56.86 10.66 -15.36
CA ASP B 101 55.97 11.81 -15.37
C ASP B 101 55.27 12.02 -16.72
N THR B 102 55.81 11.37 -17.76
CA THR B 102 55.22 11.47 -19.09
C THR B 102 53.78 10.96 -19.09
N ALA B 103 52.86 11.75 -19.65
CA ALA B 103 51.45 11.40 -19.66
C ALA B 103 50.60 12.47 -20.33
N VAL B 104 49.29 12.24 -20.39
CA VAL B 104 48.35 13.25 -20.87
C VAL B 104 47.75 13.96 -19.66
N TYR B 105 47.90 15.26 -19.60
CA TYR B 105 47.42 16.03 -18.45
C TYR B 105 46.08 16.70 -18.72
N TYR B 106 45.11 16.43 -17.84
CA TYR B 106 43.76 16.96 -18.00
C TYR B 106 43.48 18.00 -16.93
N CYS B 107 42.59 18.93 -17.24
CA CYS B 107 42.06 19.83 -16.23
C CYS B 107 40.56 19.62 -16.11
N ALA B 108 40.08 19.53 -14.88
CA ALA B 108 38.67 19.33 -14.63
C ALA B 108 38.14 20.45 -13.73
N ALA B 109 36.83 20.67 -13.77
CA ALA B 109 36.21 21.71 -12.96
C ALA B 109 34.81 21.28 -12.54
N GLY B 110 34.28 21.92 -11.51
CA GLY B 110 32.96 21.59 -11.00
C GLY B 110 32.64 22.26 -9.68
N LEU B 111 31.36 22.31 -9.34
CA LEU B 111 30.90 22.88 -8.08
C LEU B 111 31.41 22.04 -6.90
N ARG B 112 31.67 20.76 -7.17
CA ARG B 112 32.10 19.83 -6.13
C ARG B 112 33.60 19.57 -6.20
N GLY B 113 34.27 20.32 -7.07
CA GLY B 113 35.70 20.19 -7.24
C GLY B 113 36.46 21.15 -6.34
N GLY B 114 37.78 21.17 -6.49
CA GLY B 114 38.63 22.01 -5.66
C GLY B 114 39.43 21.18 -4.68
N THR B 115 39.97 21.84 -3.65
CA THR B 115 40.71 21.13 -2.61
C THR B 115 39.85 20.03 -1.98
N TYR B 116 40.49 18.93 -1.62
CA TYR B 116 39.81 17.81 -0.98
C TYR B 116 39.03 16.94 -1.95
N ALA B 117 38.91 17.40 -3.19
CA ALA B 117 38.29 16.58 -4.23
C ALA B 117 39.36 15.99 -5.14
N ARG B 118 39.82 14.79 -4.81
CA ARG B 118 40.89 14.15 -5.55
C ARG B 118 40.40 12.95 -6.36
N THR B 119 39.11 12.94 -6.69
CA THR B 119 38.53 11.85 -7.45
C THR B 119 37.88 12.38 -8.74
N ILE B 120 38.01 11.61 -9.82
CA ILE B 120 37.53 12.04 -11.13
C ILE B 120 36.02 12.28 -11.16
N TYR B 121 35.29 11.59 -10.29
CA TYR B 121 33.84 11.69 -10.28
C TYR B 121 33.34 12.94 -9.57
N GLU B 122 34.24 13.66 -8.91
CA GLU B 122 33.86 14.87 -8.20
C GLU B 122 33.93 16.11 -9.09
N TYR B 123 34.33 15.92 -10.34
CA TYR B 123 34.38 17.01 -11.31
C TYR B 123 33.44 16.74 -12.47
N ASP B 124 32.66 17.75 -12.85
CA ASP B 124 31.62 17.56 -13.86
C ASP B 124 32.02 18.00 -15.26
N TYR B 125 33.18 18.65 -15.37
CA TYR B 125 33.61 19.17 -16.67
C TYR B 125 35.08 18.86 -16.93
N TRP B 126 35.38 18.48 -18.17
CA TRP B 126 36.74 18.02 -18.50
C TRP B 126 37.30 18.66 -19.76
N GLY B 127 38.62 18.83 -19.77
CA GLY B 127 39.31 19.36 -20.93
C GLY B 127 39.83 18.25 -21.82
N GLN B 128 40.24 18.62 -23.02
CA GLN B 128 40.73 17.67 -24.02
C GLN B 128 42.02 17.00 -23.56
N GLY B 129 42.80 17.71 -22.74
CA GLY B 129 44.08 17.20 -22.29
C GLY B 129 45.22 17.73 -23.13
N THR B 130 46.45 17.62 -22.61
CA THR B 130 47.64 18.03 -23.35
C THR B 130 48.80 17.10 -23.00
N GLN B 131 49.60 16.76 -24.01
CA GLN B 131 50.65 15.76 -23.85
C GLN B 131 51.95 16.33 -23.28
N VAL B 132 52.48 15.66 -22.26
CA VAL B 132 53.75 16.04 -21.66
C VAL B 132 54.72 14.86 -21.67
N THR B 133 55.82 15.01 -22.40
CA THR B 133 56.79 13.93 -22.54
C THR B 133 58.17 14.35 -22.04
N VAL B 134 58.61 13.74 -20.94
CA VAL B 134 59.91 14.04 -20.37
C VAL B 134 61.03 13.35 -21.13
N PRO C 1 -40.53 -42.97 1.71
CA PRO C 1 -39.45 -43.57 2.50
C PRO C 1 -39.51 -43.15 3.95
N LYS C 2 -39.48 -41.85 4.21
CA LYS C 2 -39.57 -41.31 5.56
C LYS C 2 -39.70 -39.78 5.50
N GLN C 3 -40.27 -39.21 6.55
CA GLN C 3 -40.50 -37.76 6.60
C GLN C 3 -39.54 -37.06 7.56
N TYR C 4 -39.18 -35.83 7.23
CA TYR C 4 -38.33 -35.02 8.10
C TYR C 4 -39.11 -34.55 9.32
N PRO C 5 -38.40 -34.12 10.38
CA PRO C 5 -39.04 -33.63 11.60
C PRO C 5 -39.91 -32.41 11.34
N ILE C 6 -41.11 -32.38 11.93
CA ILE C 6 -42.02 -31.27 11.74
C ILE C 6 -42.25 -30.51 13.05
N ILE C 7 -42.20 -29.19 12.96
CA ILE C 7 -42.60 -28.32 14.05
C ILE C 7 -43.77 -27.46 13.60
N ASN C 8 -44.80 -27.38 14.44
CA ASN C 8 -46.01 -26.63 14.09
C ASN C 8 -46.11 -25.29 14.82
N PHE C 9 -46.74 -24.32 14.16
CA PHE C 9 -47.04 -23.04 14.79
C PHE C 9 -48.27 -22.42 14.13
N THR C 10 -49.08 -21.75 14.94
CA THR C 10 -50.26 -21.06 14.42
C THR C 10 -50.25 -19.59 14.86
N THR C 11 -50.78 -18.73 14.01
CA THR C 11 -50.89 -17.32 14.34
C THR C 11 -52.23 -17.06 15.02
N ALA C 12 -53.15 -18.01 14.88
CA ALA C 12 -54.44 -17.91 15.54
C ALA C 12 -54.27 -18.00 17.05
N GLY C 13 -54.53 -16.90 17.74
CA GLY C 13 -54.42 -16.85 19.18
C GLY C 13 -52.99 -16.98 19.67
N ALA C 14 -52.05 -16.56 18.82
CA ALA C 14 -50.63 -16.63 19.14
C ALA C 14 -50.31 -15.78 20.38
N THR C 15 -49.38 -16.28 21.19
CA THR C 15 -48.93 -15.54 22.36
C THR C 15 -47.40 -15.49 22.38
N VAL C 16 -46.85 -14.67 23.26
CA VAL C 16 -45.42 -14.60 23.43
C VAL C 16 -44.88 -15.98 23.81
N GLN C 17 -45.66 -16.72 24.57
CA GLN C 17 -45.23 -18.05 25.03
C GLN C 17 -45.28 -19.09 23.92
N SER C 18 -46.39 -19.14 23.19
CA SER C 18 -46.52 -20.10 22.10
C SER C 18 -45.42 -19.89 21.07
N TYR C 19 -45.16 -18.63 20.75
CA TYR C 19 -44.13 -18.27 19.79
C TYR C 19 -42.75 -18.75 20.26
N THR C 20 -42.48 -18.59 21.55
CA THR C 20 -41.18 -18.96 22.11
C THR C 20 -41.00 -20.47 22.18
N ASN C 21 -42.05 -21.20 22.53
CA ASN C 21 -42.01 -22.65 22.51
C ASN C 21 -41.67 -23.13 21.11
N PHE C 22 -42.31 -22.51 20.12
CA PHE C 22 -42.09 -22.81 18.71
C PHE C 22 -40.62 -22.63 18.31
N ILE C 23 -40.08 -21.46 18.62
CA ILE C 23 -38.70 -21.14 18.25
C ILE C 23 -37.68 -22.06 18.93
N ARG C 24 -37.90 -22.34 20.21
CA ARG C 24 -37.01 -23.22 20.95
C ARG C 24 -37.08 -24.65 20.43
N ALA C 25 -38.27 -25.06 19.99
CA ALA C 25 -38.44 -26.37 19.38
C ALA C 25 -37.68 -26.44 18.06
N VAL C 26 -37.76 -25.37 17.27
CA VAL C 26 -37.03 -25.28 16.01
C VAL C 26 -35.54 -25.43 16.25
N ARG C 27 -35.01 -24.67 17.20
CA ARG C 27 -33.60 -24.74 17.56
C ARG C 27 -33.21 -26.15 17.99
N GLY C 28 -34.09 -26.80 18.73
CA GLY C 28 -33.85 -28.14 19.22
C GLY C 28 -33.86 -29.17 18.10
N ARG C 29 -34.52 -28.84 17.00
CA ARG C 29 -34.57 -29.73 15.83
C ARG C 29 -33.44 -29.43 14.85
N LEU C 30 -33.04 -28.17 14.81
CA LEU C 30 -31.94 -27.73 13.96
C LEU C 30 -30.61 -28.35 14.41
N THR C 31 -30.30 -28.19 15.70
CA THR C 31 -29.08 -28.77 16.26
C THR C 31 -29.38 -29.52 17.55
N THR C 32 -28.44 -30.36 17.97
CA THR C 32 -28.60 -31.19 19.15
C THR C 32 -27.88 -30.55 20.34
N GLY C 33 -27.30 -29.38 20.11
CA GLY C 33 -26.39 -28.81 21.08
C GLY C 33 -25.17 -29.71 21.12
N ALA C 34 -24.56 -29.81 22.30
CA ALA C 34 -23.41 -30.69 22.50
C ALA C 34 -22.16 -30.16 21.80
N ASP C 35 -22.34 -29.47 20.68
CA ASP C 35 -21.26 -28.68 20.10
C ASP C 35 -21.51 -27.21 20.36
N VAL C 36 -20.78 -26.67 21.32
CA VAL C 36 -20.98 -25.29 21.76
C VAL C 36 -19.65 -24.54 21.78
N ARG C 37 -19.65 -23.32 21.28
CA ARG C 37 -18.44 -22.49 21.27
C ARG C 37 -18.69 -21.16 21.96
N HIS C 38 -18.03 -20.97 23.10
CA HIS C 38 -18.28 -19.80 23.93
C HIS C 38 -19.76 -19.73 24.27
N GLU C 39 -20.31 -20.88 24.67
CA GLU C 39 -21.71 -20.98 25.10
C GLU C 39 -22.72 -20.88 23.96
N ILE C 40 -22.23 -20.74 22.72
CA ILE C 40 -23.11 -20.67 21.56
C ILE C 40 -23.11 -21.99 20.79
N PRO C 41 -24.29 -22.61 20.65
CA PRO C 41 -24.41 -23.87 19.91
C PRO C 41 -24.13 -23.72 18.41
N VAL C 42 -23.45 -24.72 17.85
CA VAL C 42 -23.06 -24.71 16.45
C VAL C 42 -23.89 -25.70 15.65
N LEU C 43 -24.45 -25.24 14.53
CA LEU C 43 -25.23 -26.09 13.65
C LEU C 43 -24.38 -27.24 13.12
N PRO C 44 -25.03 -28.26 12.56
CA PRO C 44 -24.33 -29.43 12.02
C PRO C 44 -23.49 -29.08 10.80
N ASN C 45 -22.32 -29.70 10.70
CA ASN C 45 -21.44 -29.51 9.55
C ASN C 45 -22.05 -30.10 8.28
N ARG C 46 -22.22 -29.26 7.26
CA ARG C 46 -22.78 -29.69 6.00
C ARG C 46 -22.06 -30.92 5.45
N VAL C 47 -20.74 -30.88 5.50
CA VAL C 47 -19.90 -31.94 4.96
C VAL C 47 -20.11 -33.26 5.70
N GLY C 48 -20.48 -34.29 4.96
CA GLY C 48 -20.65 -35.62 5.52
C GLY C 48 -21.99 -35.80 6.23
N LEU C 49 -22.86 -34.80 6.11
CA LEU C 49 -24.18 -34.88 6.72
C LEU C 49 -25.17 -35.60 5.80
N PRO C 50 -25.67 -36.76 6.26
CA PRO C 50 -26.64 -37.56 5.50
C PRO C 50 -27.83 -36.74 5.04
N ILE C 51 -28.29 -37.02 3.82
CA ILE C 51 -29.41 -36.29 3.23
C ILE C 51 -30.68 -36.45 4.05
N ASN C 52 -30.80 -37.57 4.76
CA ASN C 52 -31.98 -37.83 5.58
C ASN C 52 -32.00 -36.98 6.85
N GLN C 53 -30.85 -36.43 7.21
CA GLN C 53 -30.73 -35.56 8.37
C GLN C 53 -30.63 -34.10 7.96
N ARG C 54 -30.78 -33.84 6.66
CA ARG C 54 -30.46 -32.54 6.09
C ARG C 54 -31.45 -31.41 6.40
N PHE C 55 -32.73 -31.74 6.48
CA PHE C 55 -33.77 -30.71 6.63
C PHE C 55 -34.70 -30.93 7.82
N ILE C 56 -35.38 -29.85 8.20
CA ILE C 56 -36.53 -29.92 9.11
C ILE C 56 -37.68 -29.16 8.46
N LEU C 57 -38.91 -29.45 8.89
CA LEU C 57 -40.07 -28.80 8.31
C LEU C 57 -40.82 -27.97 9.35
N VAL C 58 -41.29 -26.80 8.92
CA VAL C 58 -42.08 -25.92 9.78
C VAL C 58 -43.48 -25.73 9.21
N GLU C 59 -44.48 -26.27 9.89
CA GLU C 59 -45.86 -26.11 9.44
C GLU C 59 -46.53 -24.91 10.09
N LEU C 60 -46.86 -23.91 9.28
CA LEU C 60 -47.53 -22.72 9.77
C LEU C 60 -49.01 -22.76 9.45
N SER C 61 -49.83 -22.41 10.44
CA SER C 61 -51.27 -22.30 10.26
C SER C 61 -51.72 -20.91 10.73
N ASN C 62 -52.85 -20.45 10.23
CA ASN C 62 -53.39 -19.16 10.65
C ASN C 62 -54.88 -19.23 10.97
N HIS C 63 -55.48 -18.08 11.23
CA HIS C 63 -56.88 -18.01 11.64
C HIS C 63 -57.82 -18.25 10.47
N ALA C 64 -57.30 -18.13 9.25
CA ALA C 64 -58.08 -18.43 8.06
C ALA C 64 -58.14 -19.93 7.85
N GLU C 65 -57.49 -20.66 8.76
CA GLU C 65 -57.43 -22.11 8.74
C GLU C 65 -56.62 -22.64 7.56
N LEU C 66 -55.88 -21.75 6.92
CA LEU C 66 -54.98 -22.16 5.84
C LEU C 66 -53.67 -22.63 6.45
N SER C 67 -52.95 -23.49 5.73
CA SER C 67 -51.72 -24.07 6.27
C SER C 67 -50.66 -24.29 5.20
N VAL C 68 -49.44 -23.81 5.48
CA VAL C 68 -48.30 -24.02 4.60
C VAL C 68 -47.14 -24.65 5.35
N THR C 69 -46.26 -25.33 4.63
CA THR C 69 -45.12 -25.99 5.24
C THR C 69 -43.79 -25.50 4.68
N LEU C 70 -42.95 -24.95 5.55
CA LEU C 70 -41.64 -24.45 5.16
C LEU C 70 -40.56 -25.50 5.41
N ALA C 71 -39.59 -25.57 4.51
CA ALA C 71 -38.45 -26.47 4.67
C ALA C 71 -37.21 -25.67 5.06
N LEU C 72 -36.55 -26.09 6.14
CA LEU C 72 -35.34 -25.42 6.59
C LEU C 72 -34.12 -26.31 6.46
N ASP C 73 -33.00 -25.71 6.05
CA ASP C 73 -31.72 -26.40 5.98
C ASP C 73 -31.07 -26.34 7.37
N VAL C 74 -30.78 -27.50 7.95
CA VAL C 74 -30.28 -27.54 9.32
C VAL C 74 -28.88 -26.97 9.48
N THR C 75 -28.19 -26.74 8.36
CA THR C 75 -26.81 -26.27 8.41
C THR C 75 -26.71 -24.74 8.48
N ASN C 76 -27.76 -24.05 8.07
CA ASN C 76 -27.79 -22.58 8.15
C ASN C 76 -29.13 -22.02 8.64
N ALA C 77 -30.05 -22.93 8.96
CA ALA C 77 -31.34 -22.57 9.54
C ALA C 77 -32.21 -21.72 8.60
N TYR C 78 -31.84 -21.72 7.32
CA TYR C 78 -32.49 -20.86 6.33
C TYR C 78 -33.54 -21.61 5.51
N VAL C 79 -34.52 -20.87 5.00
CA VAL C 79 -35.62 -21.46 4.22
C VAL C 79 -35.21 -21.76 2.78
N VAL C 80 -35.40 -23.01 2.36
CA VAL C 80 -35.02 -23.43 1.02
C VAL C 80 -36.22 -23.49 0.08
N GLY C 81 -37.42 -23.56 0.65
CA GLY C 81 -38.63 -23.63 -0.13
C GLY C 81 -39.84 -23.90 0.75
N TYR C 82 -40.96 -24.26 0.13
CA TYR C 82 -42.17 -24.54 0.91
C TYR C 82 -43.19 -25.34 0.12
N ARG C 83 -44.08 -26.03 0.85
CA ARG C 83 -45.19 -26.73 0.23
C ARG C 83 -46.51 -26.10 0.65
N ALA C 84 -47.42 -25.97 -0.30
CA ALA C 84 -48.78 -25.51 -0.04
C ALA C 84 -49.73 -26.40 -0.80
N GLY C 85 -50.42 -27.28 -0.07
CA GLY C 85 -51.31 -28.23 -0.70
C GLY C 85 -50.59 -29.16 -1.65
N ASN C 86 -50.95 -29.10 -2.92
CA ASN C 86 -50.49 -30.08 -3.91
C ASN C 86 -49.23 -29.67 -4.68
N SER C 87 -48.62 -28.56 -4.29
CA SER C 87 -47.41 -28.10 -4.99
C SER C 87 -46.31 -27.59 -4.06
N ALA C 88 -45.07 -27.78 -4.48
CA ALA C 88 -43.92 -27.33 -3.71
C ALA C 88 -43.06 -26.38 -4.54
N TYR C 89 -42.53 -25.35 -3.89
CA TYR C 89 -41.71 -24.35 -4.56
C TYR C 89 -40.35 -24.22 -3.88
N PHE C 90 -39.29 -24.10 -4.67
CA PHE C 90 -37.94 -24.03 -4.14
C PHE C 90 -37.16 -22.83 -4.68
N PHE C 91 -36.44 -22.15 -3.80
CA PHE C 91 -35.51 -21.10 -4.23
C PHE C 91 -34.45 -21.73 -5.13
N HIS C 92 -34.00 -20.99 -6.13
CA HIS C 92 -32.95 -21.50 -7.02
C HIS C 92 -31.71 -21.84 -6.20
N PRO C 93 -31.33 -23.12 -6.21
CA PRO C 93 -30.20 -23.65 -5.44
C PRO C 93 -28.89 -22.93 -5.76
N ASP C 94 -28.01 -22.81 -4.78
CA ASP C 94 -26.72 -22.16 -4.96
C ASP C 94 -25.77 -22.99 -5.83
N ASN C 95 -25.90 -24.31 -5.76
CA ASN C 95 -25.00 -25.20 -6.49
C ASN C 95 -25.63 -26.54 -6.83
N GLN C 96 -24.83 -27.42 -7.44
CA GLN C 96 -25.33 -28.71 -7.92
C GLN C 96 -25.65 -29.69 -6.79
N GLU C 97 -24.80 -29.72 -5.77
CA GLU C 97 -25.04 -30.59 -4.62
C GLU C 97 -26.30 -30.16 -3.89
N ASP C 98 -26.56 -28.87 -3.88
CA ASP C 98 -27.74 -28.31 -3.22
C ASP C 98 -29.02 -28.60 -3.98
N ALA C 99 -28.92 -28.66 -5.30
CA ALA C 99 -30.05 -29.01 -6.14
C ALA C 99 -30.39 -30.49 -5.95
N GLU C 100 -29.35 -31.32 -5.88
CA GLU C 100 -29.52 -32.74 -5.64
C GLU C 100 -30.15 -32.96 -4.27
N ALA C 101 -29.81 -32.07 -3.33
CA ALA C 101 -30.27 -32.18 -1.96
C ALA C 101 -31.78 -31.95 -1.81
N ILE C 102 -32.29 -30.94 -2.51
CA ILE C 102 -33.70 -30.56 -2.36
C ILE C 102 -34.67 -31.48 -3.10
N THR C 103 -34.14 -32.35 -3.96
CA THR C 103 -35.00 -33.29 -4.68
C THR C 103 -35.56 -34.34 -3.72
N HIS C 104 -35.08 -34.31 -2.47
CA HIS C 104 -35.54 -35.23 -1.45
C HIS C 104 -36.63 -34.62 -0.57
N LEU C 105 -36.99 -33.37 -0.86
CA LEU C 105 -38.02 -32.67 -0.10
C LEU C 105 -39.38 -32.74 -0.79
N PHE C 106 -40.43 -32.99 0.00
CA PHE C 106 -41.79 -32.96 -0.51
C PHE C 106 -42.00 -33.90 -1.69
N THR C 107 -41.29 -35.02 -1.70
CA THR C 107 -41.37 -35.95 -2.82
C THR C 107 -42.80 -36.45 -3.05
N ASP C 108 -43.68 -36.22 -2.09
CA ASP C 108 -45.06 -36.67 -2.23
C ASP C 108 -45.97 -35.61 -2.84
N VAL C 109 -45.37 -34.52 -3.33
CA VAL C 109 -46.15 -33.48 -4.00
C VAL C 109 -46.10 -33.65 -5.52
N GLN C 110 -47.25 -33.52 -6.17
N GLN C 110 -47.26 -33.54 -6.16
CA GLN C 110 -47.35 -33.74 -7.62
CA GLN C 110 -47.36 -33.71 -7.60
C GLN C 110 -46.69 -32.62 -8.41
C GLN C 110 -46.61 -32.63 -8.36
N ASN C 111 -46.88 -31.38 -8.00
CA ASN C 111 -46.29 -30.24 -8.70
C ASN C 111 -45.10 -29.60 -7.97
N ARG C 112 -43.91 -29.75 -8.55
CA ARG C 112 -42.70 -29.23 -7.95
C ARG C 112 -42.07 -28.19 -8.87
N TYR C 113 -41.80 -27.00 -8.32
CA TYR C 113 -41.25 -25.91 -9.11
C TYR C 113 -40.03 -25.28 -8.47
N THR C 114 -39.09 -24.82 -9.31
CA THR C 114 -37.92 -24.11 -8.83
C THR C 114 -37.87 -22.71 -9.39
N PHE C 115 -37.83 -21.72 -8.50
CA PHE C 115 -37.80 -20.32 -8.90
C PHE C 115 -36.50 -19.96 -9.62
N ALA C 116 -36.57 -18.89 -10.40
CA ALA C 116 -35.39 -18.37 -11.09
C ALA C 116 -34.49 -17.63 -10.10
N PHE C 117 -35.05 -17.28 -8.95
CA PHE C 117 -34.33 -16.51 -7.94
C PHE C 117 -34.05 -17.33 -6.69
N GLY C 118 -33.01 -16.94 -5.96
CA GLY C 118 -32.63 -17.59 -4.71
C GLY C 118 -33.25 -16.93 -3.50
N GLY C 119 -32.81 -17.32 -2.31
CA GLY C 119 -33.43 -16.88 -1.07
C GLY C 119 -32.83 -15.62 -0.44
N ASN C 120 -31.75 -15.12 -1.00
CA ASN C 120 -31.09 -13.93 -0.45
C ASN C 120 -32.00 -12.70 -0.45
N TYR C 121 -31.86 -11.87 0.57
CA TYR C 121 -32.71 -10.71 0.77
C TYR C 121 -32.71 -9.72 -0.40
N ASP C 122 -31.52 -9.45 -0.95
CA ASP C 122 -31.40 -8.47 -2.03
C ASP C 122 -32.43 -8.66 -3.13
N ARG C 123 -32.39 -9.81 -3.79
CA ARG C 123 -33.32 -10.09 -4.87
C ARG C 123 -34.77 -10.08 -4.40
N LEU C 124 -35.03 -10.78 -3.29
CA LEU C 124 -36.38 -10.82 -2.73
C LEU C 124 -36.94 -9.41 -2.54
N GLU C 125 -36.12 -8.52 -2.01
CA GLU C 125 -36.52 -7.13 -1.79
C GLU C 125 -36.86 -6.42 -3.09
N GLN C 126 -36.11 -6.74 -4.15
CA GLN C 126 -36.37 -6.16 -5.47
C GLN C 126 -37.74 -6.58 -5.98
N LEU C 127 -37.99 -7.89 -5.99
CA LEU C 127 -39.26 -8.45 -6.38
C LEU C 127 -40.40 -7.84 -5.57
N ALA C 128 -40.15 -7.68 -4.27
CA ALA C 128 -41.15 -7.18 -3.34
C ALA C 128 -41.45 -5.69 -3.54
N GLY C 129 -40.44 -4.94 -3.93
CA GLY C 129 -40.59 -3.51 -4.13
C GLY C 129 -40.27 -2.71 -2.88
N ASN C 130 -39.92 -3.43 -1.81
CA ASN C 130 -39.58 -2.81 -0.54
C ASN C 130 -38.33 -3.41 0.07
N LEU C 131 -37.63 -2.60 0.86
CA LEU C 131 -36.51 -3.10 1.65
C LEU C 131 -37.07 -3.65 2.96
N ARG C 132 -36.29 -4.49 3.63
CA ARG C 132 -36.71 -5.00 4.93
C ARG C 132 -37.08 -3.87 5.88
N GLU C 133 -36.35 -2.76 5.79
CA GLU C 133 -36.58 -1.60 6.64
C GLU C 133 -38.02 -1.10 6.55
N ASN C 134 -38.71 -1.44 5.47
CA ASN C 134 -40.06 -0.93 5.24
C ASN C 134 -41.12 -2.02 5.16
N ILE C 135 -40.74 -3.24 5.51
CA ILE C 135 -41.67 -4.35 5.56
C ILE C 135 -41.95 -4.74 7.01
N GLU C 136 -43.21 -4.61 7.41
CA GLU C 136 -43.61 -4.82 8.80
C GLU C 136 -43.60 -6.29 9.21
N LEU C 137 -43.24 -6.54 10.45
CA LEU C 137 -43.24 -7.89 11.00
C LEU C 137 -44.16 -7.97 12.22
N GLY C 138 -44.55 -9.19 12.58
CA GLY C 138 -45.46 -9.39 13.69
C GLY C 138 -46.41 -10.52 13.39
N ASN C 139 -47.39 -10.71 14.26
CA ASN C 139 -48.36 -11.79 14.09
C ASN C 139 -49.23 -11.57 12.86
N GLY C 140 -49.71 -10.34 12.70
CA GLY C 140 -50.56 -9.97 11.58
C GLY C 140 -49.87 -10.15 10.24
N PRO C 141 -48.70 -9.51 10.07
CA PRO C 141 -47.91 -9.68 8.85
C PRO C 141 -47.67 -11.16 8.54
N LEU C 142 -47.34 -11.94 9.58
CA LEU C 142 -47.07 -13.35 9.40
C LEU C 142 -48.29 -14.13 8.91
N GLU C 143 -49.44 -13.89 9.54
CA GLU C 143 -50.66 -14.61 9.19
C GLU C 143 -51.14 -14.27 7.78
N GLU C 144 -50.76 -13.08 7.30
CA GLU C 144 -51.06 -12.70 5.93
C GLU C 144 -50.09 -13.41 4.99
N ALA C 145 -48.85 -13.54 5.43
CA ALA C 145 -47.82 -14.24 4.68
C ALA C 145 -48.23 -15.68 4.41
N ILE C 146 -48.89 -16.29 5.38
CA ILE C 146 -49.31 -17.69 5.27
C ILE C 146 -50.40 -17.85 4.22
N SER C 147 -51.30 -16.89 4.14
CA SER C 147 -52.38 -16.93 3.15
C SER C 147 -51.83 -16.68 1.75
N ALA C 148 -50.91 -15.72 1.64
CA ALA C 148 -50.30 -15.39 0.35
C ALA C 148 -49.56 -16.57 -0.24
N LEU C 149 -48.75 -17.25 0.58
CA LEU C 149 -48.02 -18.43 0.14
C LEU C 149 -48.98 -19.52 -0.30
N TYR C 150 -50.10 -19.64 0.42
CA TYR C 150 -51.07 -20.70 0.15
C TYR C 150 -51.82 -20.48 -1.17
N TYR C 151 -52.16 -19.22 -1.45
CA TYR C 151 -52.95 -18.89 -2.63
C TYR C 151 -52.12 -18.63 -3.88
N TYR C 152 -50.80 -18.81 -3.77
CA TYR C 152 -49.93 -18.61 -4.93
C TYR C 152 -50.20 -19.66 -6.00
N SER C 153 -50.29 -20.91 -5.59
CA SER C 153 -50.49 -22.02 -6.52
C SER C 153 -51.78 -21.85 -7.33
N THR C 154 -52.68 -21.01 -6.84
CA THR C 154 -53.96 -20.77 -7.52
C THR C 154 -53.99 -19.40 -8.19
N GLY C 155 -52.84 -18.73 -8.25
CA GLY C 155 -52.74 -17.45 -8.91
C GLY C 155 -53.45 -16.33 -8.17
N GLY C 156 -53.68 -16.55 -6.88
CA GLY C 156 -54.43 -15.61 -6.07
C GLY C 156 -53.57 -14.54 -5.41
N THR C 157 -52.26 -14.68 -5.52
CA THR C 157 -51.33 -13.69 -4.98
C THR C 157 -50.18 -13.42 -5.94
N GLN C 158 -49.87 -12.15 -6.13
CA GLN C 158 -48.83 -11.74 -7.09
C GLN C 158 -47.40 -11.91 -6.55
N LEU C 159 -46.44 -11.94 -7.47
CA LEU C 159 -45.04 -12.19 -7.14
C LEU C 159 -44.46 -11.23 -6.08
N PRO C 160 -44.73 -9.93 -6.22
CA PRO C 160 -44.22 -9.00 -5.20
C PRO C 160 -44.74 -9.37 -3.81
N THR C 161 -46.04 -9.62 -3.71
CA THR C 161 -46.64 -10.04 -2.44
C THR C 161 -45.97 -11.30 -1.91
N LEU C 162 -45.70 -12.24 -2.81
CA LEU C 162 -45.06 -13.49 -2.42
C LEU C 162 -43.65 -13.25 -1.90
N ALA C 163 -42.90 -12.42 -2.60
CA ALA C 163 -41.54 -12.07 -2.20
C ALA C 163 -41.56 -11.41 -0.83
N ARG C 164 -42.47 -10.47 -0.64
CA ARG C 164 -42.62 -9.81 0.65
C ARG C 164 -42.88 -10.82 1.76
N SER C 165 -43.74 -11.80 1.46
CA SER C 165 -44.11 -12.80 2.45
C SER C 165 -42.92 -13.68 2.80
N PHE C 166 -42.07 -13.93 1.81
CA PHE C 166 -40.83 -14.67 2.03
C PHE C 166 -39.97 -13.94 3.04
N ILE C 167 -39.84 -12.63 2.86
CA ILE C 167 -39.06 -11.79 3.76
C ILE C 167 -39.59 -11.84 5.19
N ILE C 168 -40.92 -11.90 5.32
CA ILE C 168 -41.55 -11.95 6.63
C ILE C 168 -41.33 -13.28 7.33
N CYS C 169 -41.48 -14.37 6.59
CA CYS C 169 -41.32 -15.71 7.16
C CYS C 169 -39.87 -15.99 7.55
N ILE C 170 -38.94 -15.68 6.66
CA ILE C 170 -37.53 -15.92 6.90
C ILE C 170 -37.04 -15.21 8.16
N GLN C 171 -37.51 -13.98 8.37
CA GLN C 171 -37.09 -13.20 9.53
C GLN C 171 -37.72 -13.70 10.83
N MET C 172 -39.03 -13.94 10.80
CA MET C 172 -39.75 -14.35 12.00
C MET C 172 -39.45 -15.79 12.40
N ILE C 173 -38.86 -16.56 11.49
CA ILE C 173 -38.53 -17.95 11.78
C ILE C 173 -37.02 -18.22 11.76
N SER C 174 -36.41 -18.11 10.58
CA SER C 174 -34.98 -18.38 10.43
C SER C 174 -34.13 -17.48 11.30
N GLU C 175 -34.31 -16.16 11.14
CA GLU C 175 -33.52 -15.19 11.89
C GLU C 175 -33.84 -15.24 13.39
N ALA C 176 -35.10 -15.50 13.72
CA ALA C 176 -35.53 -15.60 15.10
C ALA C 176 -34.86 -16.78 15.79
N ALA C 177 -34.63 -17.85 15.04
CA ALA C 177 -33.97 -19.04 15.58
C ALA C 177 -32.47 -18.79 15.74
N ARG C 178 -31.92 -17.99 14.84
CA ARG C 178 -30.49 -17.67 14.84
C ARG C 178 -30.09 -16.75 15.99
N PHE C 179 -30.99 -15.81 16.32
CA PHE C 179 -30.71 -14.80 17.33
C PHE C 179 -31.80 -14.74 18.39
N GLN C 180 -31.44 -14.89 19.66
CA GLN C 180 -32.41 -14.66 20.74
C GLN C 180 -32.86 -13.21 20.62
N TYR C 181 -31.92 -12.36 20.19
CA TYR C 181 -32.20 -10.93 20.04
C TYR C 181 -33.38 -10.71 19.11
N ILE C 182 -33.40 -11.42 17.99
CA ILE C 182 -34.47 -11.27 17.01
C ILE C 182 -35.75 -11.97 17.46
N GLU C 183 -35.60 -13.10 18.15
CA GLU C 183 -36.75 -13.74 18.79
C GLU C 183 -37.39 -12.73 19.73
N GLY C 184 -36.54 -12.03 20.48
CA GLY C 184 -36.99 -11.03 21.43
C GLY C 184 -37.71 -9.86 20.78
N GLU C 185 -37.28 -9.52 19.57
CA GLU C 185 -37.94 -8.45 18.82
C GLU C 185 -39.34 -8.87 18.39
N MET C 186 -39.49 -10.15 18.04
CA MET C 186 -40.78 -10.67 17.59
C MET C 186 -41.73 -10.88 18.77
N ARG C 187 -41.18 -11.26 19.91
CA ARG C 187 -41.97 -11.38 21.13
C ARG C 187 -42.62 -10.05 21.48
N THR C 188 -41.85 -8.97 21.35
CA THR C 188 -42.32 -7.63 21.68
C THR C 188 -43.49 -7.23 20.80
N ARG C 189 -43.42 -7.56 19.52
CA ARG C 189 -44.49 -7.26 18.58
C ARG C 189 -45.73 -8.09 18.88
N ILE C 190 -45.54 -9.39 19.08
CA ILE C 190 -46.65 -10.30 19.38
C ILE C 190 -47.33 -9.93 20.70
N ARG C 191 -46.54 -9.48 21.67
CA ARG C 191 -47.06 -9.12 22.97
C ARG C 191 -48.05 -7.95 22.93
N TYR C 192 -47.69 -6.91 22.19
CA TYR C 192 -48.51 -5.71 22.10
C TYR C 192 -49.48 -5.78 20.92
N ASN C 193 -49.46 -6.88 20.18
CA ASN C 193 -50.20 -6.98 18.94
C ASN C 193 -49.88 -5.80 18.03
N ARG C 194 -48.59 -5.55 17.84
CA ARG C 194 -48.15 -4.51 16.93
C ARG C 194 -47.42 -5.12 15.74
N ARG C 195 -47.40 -4.39 14.64
CA ARG C 195 -46.58 -4.76 13.50
C ARG C 195 -45.69 -3.58 13.15
N SER C 196 -44.39 -3.84 13.02
CA SER C 196 -43.45 -2.79 12.65
C SER C 196 -42.27 -3.40 11.90
N ALA C 197 -41.58 -2.58 11.12
CA ALA C 197 -40.41 -3.05 10.41
C ALA C 197 -39.23 -3.17 11.37
N PRO C 198 -38.28 -4.06 11.07
CA PRO C 198 -37.09 -4.20 11.90
C PRO C 198 -36.21 -2.96 11.80
N ASP C 199 -35.51 -2.62 12.88
CA ASP C 199 -34.61 -1.47 12.88
C ASP C 199 -33.21 -1.89 12.42
N PRO C 200 -32.31 -0.91 12.21
CA PRO C 200 -30.96 -1.19 11.71
C PRO C 200 -30.21 -2.28 12.50
N SER C 201 -30.48 -2.40 13.80
CA SER C 201 -29.79 -3.41 14.61
C SER C 201 -30.18 -4.83 14.20
N VAL C 202 -31.45 -5.03 13.92
CA VAL C 202 -31.94 -6.31 13.44
C VAL C 202 -31.32 -6.63 12.08
N ILE C 203 -31.41 -5.67 11.16
CA ILE C 203 -30.98 -5.89 9.78
C ILE C 203 -29.48 -6.17 9.64
N THR C 204 -28.65 -5.40 10.35
CA THR C 204 -27.20 -5.62 10.29
C THR C 204 -26.81 -6.95 10.92
N LEU C 205 -27.55 -7.36 11.95
CA LEU C 205 -27.33 -8.68 12.55
C LEU C 205 -27.59 -9.77 11.52
N GLU C 206 -28.69 -9.62 10.79
CA GLU C 206 -29.07 -10.58 9.74
C GLU C 206 -28.00 -10.65 8.65
N ASN C 207 -27.53 -9.47 8.22
CA ASN C 207 -26.50 -9.41 7.18
C ASN C 207 -25.22 -10.12 7.60
N SER C 208 -24.87 -9.98 8.88
CA SER C 208 -23.55 -10.37 9.36
C SER C 208 -23.48 -11.75 10.03
N TRP C 209 -24.60 -12.47 10.04
CA TRP C 209 -24.69 -13.72 10.80
C TRP C 209 -23.57 -14.72 10.46
N GLY C 210 -23.31 -14.88 9.17
CA GLY C 210 -22.29 -15.81 8.72
C GLY C 210 -20.90 -15.38 9.12
N ARG C 211 -20.63 -14.08 8.99
CA ARG C 211 -19.34 -13.52 9.36
C ARG C 211 -19.11 -13.61 10.87
N LEU C 212 -20.14 -13.30 11.64
CA LEU C 212 -20.08 -13.42 13.09
C LEU C 212 -19.74 -14.85 13.49
N SER C 213 -20.48 -15.80 12.92
CA SER C 213 -20.24 -17.21 13.17
C SER C 213 -18.77 -17.55 12.95
N THR C 214 -18.23 -17.05 11.84
CA THR C 214 -16.83 -17.31 11.50
C THR C 214 -15.89 -16.65 12.50
N ALA C 215 -16.14 -15.37 12.79
CA ALA C 215 -15.31 -14.61 13.72
C ALA C 215 -15.22 -15.28 15.08
N ILE C 216 -16.36 -15.69 15.62
CA ILE C 216 -16.43 -16.29 16.94
C ILE C 216 -15.68 -17.62 17.03
N GLN C 217 -15.84 -18.44 16.00
CA GLN C 217 -15.22 -19.76 15.96
C GLN C 217 -13.71 -19.70 15.69
N GLU C 218 -13.25 -18.56 15.18
CA GLU C 218 -11.84 -18.38 14.86
C GLU C 218 -11.13 -17.44 15.83
N SER C 219 -11.89 -16.88 16.76
CA SER C 219 -11.36 -15.91 17.70
C SER C 219 -10.25 -16.50 18.57
N ASN C 220 -9.44 -15.63 19.17
CA ASN C 220 -8.43 -16.03 20.14
C ASN C 220 -8.91 -15.76 21.56
N GLN C 221 -9.37 -16.80 22.25
CA GLN C 221 -9.90 -16.66 23.59
C GLN C 221 -11.13 -15.77 23.60
N GLY C 222 -11.77 -15.64 22.43
CA GLY C 222 -12.96 -14.83 22.29
C GLY C 222 -12.74 -13.55 21.52
N ALA C 223 -11.49 -13.13 21.38
CA ALA C 223 -11.18 -11.86 20.71
C ALA C 223 -11.06 -12.03 19.20
N PHE C 224 -11.82 -11.23 18.46
CA PHE C 224 -11.82 -11.30 17.00
C PHE C 224 -10.50 -10.82 16.40
N ALA C 225 -10.09 -11.43 15.30
CA ALA C 225 -8.93 -10.95 14.56
C ALA C 225 -9.24 -9.56 14.04
N SER C 226 -10.41 -9.43 13.43
CA SER C 226 -10.90 -8.13 12.98
C SER C 226 -12.29 -7.88 13.54
N PRO C 227 -12.59 -6.63 13.89
CA PRO C 227 -13.92 -6.33 14.41
C PRO C 227 -14.98 -6.46 13.34
N ILE C 228 -16.22 -6.61 13.77
CA ILE C 228 -17.36 -6.62 12.85
C ILE C 228 -18.27 -5.44 13.17
N GLN C 229 -18.56 -4.64 12.15
CA GLN C 229 -19.30 -3.39 12.33
C GLN C 229 -20.81 -3.57 12.19
N LEU C 230 -21.55 -3.12 13.21
CA LEU C 230 -23.00 -3.20 13.20
C LEU C 230 -23.62 -1.81 13.38
N GLN C 231 -24.94 -1.75 13.43
CA GLN C 231 -25.65 -0.51 13.68
C GLN C 231 -26.52 -0.62 14.92
N ARG C 232 -26.59 0.46 15.69
CA ARG C 232 -27.49 0.51 16.83
C ARG C 232 -28.91 0.69 16.34
N ARG C 233 -29.85 0.74 17.28
CA ARG C 233 -31.25 0.95 16.92
C ARG C 233 -31.43 2.30 16.23
N ASN C 234 -30.64 3.29 16.63
CA ASN C 234 -30.75 4.62 16.06
C ASN C 234 -29.97 4.76 14.75
N GLY C 235 -29.31 3.68 14.33
CA GLY C 235 -28.60 3.67 13.06
C GLY C 235 -27.12 3.96 13.17
N SER C 236 -26.72 4.60 14.26
CA SER C 236 -25.30 4.89 14.48
C SER C 236 -24.52 3.58 14.41
N LYS C 237 -23.23 3.68 14.10
CA LYS C 237 -22.42 2.48 13.92
C LYS C 237 -21.47 2.20 15.08
N PHE C 238 -21.22 0.92 15.32
CA PHE C 238 -20.31 0.48 16.37
C PHE C 238 -19.76 -0.90 16.04
N SER C 239 -18.61 -1.24 16.60
CA SER C 239 -17.94 -2.49 16.27
C SER C 239 -17.85 -3.45 17.45
N VAL C 240 -18.05 -4.74 17.17
CA VAL C 240 -17.86 -5.77 18.16
C VAL C 240 -16.50 -6.42 17.94
N TYR C 241 -15.73 -6.56 19.00
CA TYR C 241 -14.36 -7.04 18.87
C TYR C 241 -14.14 -8.41 19.51
N ASP C 242 -15.18 -8.95 20.13
CA ASP C 242 -15.08 -10.28 20.74
C ASP C 242 -16.43 -10.96 20.91
N VAL C 243 -16.40 -12.18 21.45
CA VAL C 243 -17.59 -13.03 21.54
C VAL C 243 -18.49 -12.71 22.73
N SER C 244 -17.87 -12.33 23.84
CA SER C 244 -18.60 -12.07 25.08
C SER C 244 -19.84 -11.22 24.84
N ILE C 245 -19.69 -10.19 24.03
CA ILE C 245 -20.77 -9.22 23.82
C ILE C 245 -21.95 -9.83 23.07
N LEU C 246 -21.73 -10.97 22.43
CA LEU C 246 -22.73 -11.56 21.54
C LEU C 246 -23.48 -12.73 22.15
N ILE C 247 -23.01 -13.22 23.30
CA ILE C 247 -23.61 -14.39 23.93
C ILE C 247 -25.14 -14.27 24.11
N PRO C 248 -25.60 -13.14 24.64
CA PRO C 248 -27.05 -12.94 24.79
C PRO C 248 -27.75 -12.60 23.49
N ILE C 249 -27.02 -12.62 22.37
CA ILE C 249 -27.54 -12.17 21.10
C ILE C 249 -27.75 -13.30 20.09
N ILE C 250 -26.71 -14.12 19.91
CA ILE C 250 -26.75 -15.18 18.91
C ILE C 250 -27.13 -16.52 19.54
N ALA C 251 -28.11 -17.18 18.95
CA ALA C 251 -28.59 -18.47 19.47
C ALA C 251 -27.96 -19.64 18.71
N LEU C 252 -27.61 -19.40 17.45
CA LEU C 252 -27.05 -20.45 16.61
C LEU C 252 -25.92 -19.93 15.73
N MET C 253 -25.01 -20.83 15.37
CA MET C 253 -23.92 -20.49 14.45
C MET C 253 -23.78 -21.54 13.35
N VAL C 254 -23.45 -21.08 12.15
CA VAL C 254 -23.12 -21.99 11.07
C VAL C 254 -21.73 -22.56 11.31
N TYR C 255 -21.56 -23.84 11.00
CA TYR C 255 -20.30 -24.54 11.23
C TYR C 255 -19.18 -23.99 10.34
N ARG C 256 -18.09 -23.57 10.95
CA ARG C 256 -16.94 -23.05 10.22
C ARG C 256 -15.67 -23.80 10.59
N CYS C 257 -15.36 -23.83 11.89
CA CYS C 257 -14.18 -24.53 12.39
C CYS C 257 -14.56 -25.78 13.14
N ALA C 258 -13.63 -26.75 13.18
CA ALA C 258 -13.77 -27.88 14.08
C ALA C 258 -13.59 -27.34 15.49
N PRO C 259 -14.14 -28.05 16.49
CA PRO C 259 -14.03 -27.62 17.89
C PRO C 259 -12.59 -27.26 18.25
N PRO C 260 -12.39 -26.11 18.91
CA PRO C 260 -11.05 -25.59 19.20
C PRO C 260 -10.28 -26.52 20.13
N PRO C 261 -8.95 -26.33 20.24
CA PRO C 261 -8.16 -27.10 21.21
C PRO C 261 -8.70 -26.92 22.63
N SER C 262 -8.70 -27.96 23.46
CA SER C 262 -9.13 -27.83 24.84
C SER C 262 -8.32 -26.74 25.52
N SER C 263 -7.45 -26.11 24.75
CA SER C 263 -6.57 -25.08 25.27
C SER C 263 -7.36 -23.83 25.57
N GLN C 264 -8.22 -23.46 24.63
CA GLN C 264 -9.07 -22.28 24.77
C GLN C 264 -9.79 -22.33 26.11
N PHE C 265 -9.90 -21.18 26.75
CA PHE C 265 -10.66 -21.07 27.99
C PHE C 265 -12.15 -21.00 27.69
N VAL D 1 -23.51 -2.15 -7.00
CA VAL D 1 -24.30 -3.05 -7.82
C VAL D 1 -23.58 -3.36 -9.13
N GLN D 2 -22.63 -2.49 -9.50
CA GLN D 2 -21.85 -2.69 -10.71
C GLN D 2 -20.36 -2.60 -10.42
N LEU D 3 -19.62 -3.65 -10.79
CA LEU D 3 -18.20 -3.75 -10.47
C LEU D 3 -17.34 -3.91 -11.72
N VAL D 4 -16.35 -3.04 -11.88
CA VAL D 4 -15.45 -3.11 -13.03
C VAL D 4 -13.98 -3.23 -12.61
N GLU D 5 -13.41 -4.41 -12.81
CA GLU D 5 -12.02 -4.67 -12.47
C GLU D 5 -11.05 -4.24 -13.57
N THR D 6 -9.84 -3.87 -13.18
CA THR D 6 -8.78 -3.55 -14.13
C THR D 6 -7.42 -3.94 -13.54
N GLY D 7 -6.35 -3.56 -14.22
CA GLY D 7 -5.00 -3.82 -13.74
C GLY D 7 -4.41 -5.13 -14.21
N GLY D 8 -5.21 -5.91 -14.94
CA GLY D 8 -4.77 -7.20 -15.44
C GLY D 8 -3.67 -7.08 -16.48
N GLY D 9 -3.08 -8.21 -16.85
CA GLY D 9 -2.02 -8.22 -17.84
C GLY D 9 -1.04 -9.37 -17.65
N VAL D 10 0.19 -9.18 -18.11
CA VAL D 10 1.19 -10.24 -18.05
C VAL D 10 2.39 -9.84 -17.20
N VAL D 11 2.95 -10.82 -16.50
CA VAL D 11 4.10 -10.60 -15.61
C VAL D 11 4.95 -11.87 -15.60
N GLN D 12 6.26 -11.71 -15.40
CA GLN D 12 7.13 -12.88 -15.26
C GLN D 12 7.21 -13.35 -13.81
N ALA D 13 7.41 -14.64 -13.63
CA ALA D 13 7.47 -15.24 -12.29
C ALA D 13 8.33 -14.42 -11.34
N GLY D 14 7.84 -14.25 -10.12
CA GLY D 14 8.53 -13.45 -9.12
C GLY D 14 8.08 -12.01 -9.15
N GLY D 15 7.44 -11.63 -10.25
CA GLY D 15 6.98 -10.27 -10.44
C GLY D 15 5.90 -9.85 -9.47
N SER D 16 5.47 -8.60 -9.58
CA SER D 16 4.41 -8.06 -8.73
C SER D 16 3.41 -7.28 -9.59
N LEU D 17 2.14 -7.31 -9.20
CA LEU D 17 1.09 -6.63 -9.95
C LEU D 17 -0.05 -6.19 -9.05
N ARG D 18 -0.70 -5.08 -9.40
CA ARG D 18 -1.73 -4.48 -8.58
C ARG D 18 -3.05 -4.35 -9.35
N LEU D 19 -4.07 -5.09 -8.91
CA LEU D 19 -5.37 -5.05 -9.56
C LEU D 19 -6.29 -4.02 -8.92
N SER D 20 -7.21 -3.49 -9.70
CA SER D 20 -8.16 -2.49 -9.22
C SER D 20 -9.60 -2.89 -9.53
N CYS D 21 -10.53 -2.40 -8.71
CA CYS D 21 -11.96 -2.62 -8.96
C CYS D 21 -12.76 -1.42 -8.45
N VAL D 22 -13.51 -0.80 -9.36
CA VAL D 22 -14.35 0.34 -9.01
C VAL D 22 -15.80 -0.09 -8.90
N ALA D 23 -16.49 0.41 -7.88
CA ALA D 23 -17.88 0.06 -7.64
C ALA D 23 -18.82 1.21 -7.95
N SER D 24 -19.86 0.92 -8.71
CA SER D 24 -20.89 1.91 -9.02
C SER D 24 -22.26 1.32 -8.70
N GLY D 25 -23.31 1.97 -9.19
CA GLY D 25 -24.66 1.51 -8.93
C GLY D 25 -25.41 2.42 -7.98
N ARG D 26 -26.71 2.58 -8.23
CA ARG D 26 -27.55 3.50 -7.46
C ARG D 26 -27.96 2.91 -6.11
N THR D 27 -27.73 1.61 -5.93
CA THR D 27 -28.14 0.91 -4.72
C THR D 27 -27.57 1.52 -3.45
N PHE D 28 -26.59 2.40 -3.60
CA PHE D 28 -25.85 2.95 -2.46
C PHE D 28 -26.61 4.08 -1.75
N SER D 29 -27.38 4.85 -2.51
CA SER D 29 -28.03 6.06 -2.01
C SER D 29 -28.59 5.91 -0.59
N VAL D 30 -29.26 4.79 -0.33
CA VAL D 30 -29.94 4.58 0.94
C VAL D 30 -28.98 4.35 2.11
N SER D 31 -29.30 4.94 3.26
CA SER D 31 -28.45 4.85 4.45
C SER D 31 -28.44 3.44 5.05
N GLY D 32 -27.25 2.97 5.42
CA GLY D 32 -27.08 1.62 5.91
C GLY D 32 -26.73 0.68 4.78
N ARG D 33 -26.92 1.15 3.55
CA ARG D 33 -26.66 0.36 2.36
C ARG D 33 -25.71 1.06 1.41
N THR D 34 -24.98 2.05 1.93
CA THR D 34 -24.02 2.79 1.12
C THR D 34 -22.86 1.90 0.71
N PHE D 35 -21.91 2.45 -0.03
CA PHE D 35 -20.74 1.70 -0.44
C PHE D 35 -19.97 1.18 0.76
N SER D 36 -19.78 2.05 1.75
CA SER D 36 -19.02 1.71 2.95
C SER D 36 -19.73 0.66 3.80
N ASP D 37 -20.96 0.32 3.41
CA ASP D 37 -21.73 -0.69 4.12
C ASP D 37 -21.70 -2.03 3.41
N HIS D 38 -21.03 -2.06 2.26
CA HIS D 38 -20.83 -3.30 1.52
C HIS D 38 -19.44 -3.89 1.79
N GLY D 39 -19.34 -5.21 1.71
CA GLY D 39 -18.06 -5.87 1.80
C GLY D 39 -17.62 -6.31 0.42
N LEU D 40 -16.32 -6.28 0.17
CA LEU D 40 -15.78 -6.69 -1.12
C LEU D 40 -14.86 -7.90 -0.94
N GLY D 41 -14.73 -8.70 -1.99
CA GLY D 41 -13.92 -9.89 -1.94
C GLY D 41 -13.30 -10.25 -3.29
N TRP D 42 -12.01 -10.57 -3.27
CA TRP D 42 -11.33 -10.99 -4.48
C TRP D 42 -11.36 -12.50 -4.64
N PHE D 43 -11.81 -12.95 -5.80
CA PHE D 43 -11.75 -14.36 -6.14
C PHE D 43 -11.00 -14.53 -7.45
N ARG D 44 -10.50 -15.73 -7.69
CA ARG D 44 -9.82 -16.02 -8.95
C ARG D 44 -10.23 -17.39 -9.45
N GLN D 45 -10.03 -17.64 -10.74
CA GLN D 45 -10.40 -18.92 -11.32
C GLN D 45 -9.58 -19.22 -12.57
N ALA D 46 -8.96 -20.39 -12.57
CA ALA D 46 -8.24 -20.88 -13.74
C ALA D 46 -9.14 -21.85 -14.50
N PRO D 47 -8.82 -22.12 -15.78
CA PRO D 47 -9.63 -23.03 -16.59
C PRO D 47 -9.67 -24.43 -15.99
N GLY D 48 -10.87 -24.97 -15.81
CA GLY D 48 -11.03 -26.32 -15.30
C GLY D 48 -11.13 -26.37 -13.79
N LYS D 49 -10.60 -25.36 -13.12
CA LYS D 49 -10.68 -25.29 -11.67
C LYS D 49 -11.94 -24.56 -11.21
N GLU D 50 -12.19 -24.62 -9.91
CA GLU D 50 -13.32 -23.91 -9.31
C GLU D 50 -12.88 -22.53 -8.83
N ARG D 51 -13.82 -21.62 -8.71
CA ARG D 51 -13.53 -20.24 -8.29
C ARG D 51 -13.13 -20.21 -6.82
N GLU D 52 -11.99 -19.59 -6.52
CA GLU D 52 -11.45 -19.61 -5.17
C GLU D 52 -11.29 -18.23 -4.54
N PHE D 53 -11.51 -18.18 -3.24
CA PHE D 53 -11.34 -16.96 -2.45
C PHE D 53 -9.88 -16.51 -2.46
N VAL D 54 -9.66 -15.21 -2.65
CA VAL D 54 -8.32 -14.65 -2.59
C VAL D 54 -8.16 -13.80 -1.33
N GLY D 55 -8.97 -12.74 -1.23
CA GLY D 55 -8.91 -11.83 -0.10
C GLY D 55 -10.18 -11.02 0.06
N SER D 56 -10.38 -10.47 1.24
CA SER D 56 -11.61 -9.76 1.55
C SER D 56 -11.34 -8.44 2.26
N ILE D 57 -12.27 -7.48 2.13
CA ILE D 57 -12.13 -6.20 2.82
C ILE D 57 -13.45 -5.67 3.38
N SER D 58 -13.39 -5.15 4.61
CA SER D 58 -14.54 -4.50 5.24
C SER D 58 -14.17 -3.11 5.72
N TRP D 59 -15.06 -2.15 5.50
CA TRP D 59 -14.81 -0.77 5.88
C TRP D 59 -15.15 -0.54 7.35
N SER D 60 -14.39 0.34 7.99
CA SER D 60 -14.58 0.62 9.41
C SER D 60 -14.64 2.12 9.70
N VAL D 61 -15.53 2.50 10.61
CA VAL D 61 -15.62 3.89 11.06
C VAL D 61 -15.30 3.97 12.54
N ASP D 62 -14.96 2.82 13.12
CA ASP D 62 -14.47 2.80 14.50
C ASP D 62 -13.19 3.62 14.53
N GLY D 63 -12.64 3.82 15.72
CA GLY D 63 -11.44 4.64 15.86
C GLY D 63 -10.20 4.03 15.24
N ASP D 64 -10.05 2.72 15.41
CA ASP D 64 -8.81 2.03 15.07
C ASP D 64 -8.38 2.11 13.61
N ALA D 65 -9.24 1.69 12.68
CA ALA D 65 -8.85 1.68 11.28
C ALA D 65 -9.99 2.07 10.34
N THR D 66 -9.64 2.37 9.09
CA THR D 66 -10.62 2.75 8.08
C THR D 66 -11.17 1.53 7.37
N TYR D 67 -10.40 0.45 7.40
CA TYR D 67 -10.85 -0.82 6.83
C TYR D 67 -10.04 -1.97 7.41
N TYR D 68 -10.61 -3.18 7.34
CA TYR D 68 -9.90 -4.38 7.77
C TYR D 68 -9.92 -5.38 6.62
N THR D 69 -8.93 -6.27 6.58
CA THR D 69 -8.85 -7.23 5.49
C THR D 69 -8.69 -8.68 5.93
N ASP D 70 -9.07 -9.59 5.04
CA ASP D 70 -8.99 -11.01 5.28
C ASP D 70 -8.36 -11.65 4.05
N LEU D 71 -7.30 -12.44 4.25
CA LEU D 71 -6.55 -12.99 3.13
C LEU D 71 -6.37 -14.51 3.24
N ALA D 72 -6.50 -15.18 2.10
CA ALA D 72 -6.32 -16.63 2.02
C ALA D 72 -4.91 -17.03 2.44
N ASN D 73 -4.80 -18.20 3.07
CA ASN D 73 -3.53 -18.67 3.60
C ASN D 73 -2.42 -18.78 2.57
N SER D 74 -2.79 -19.08 1.32
CA SER D 74 -1.81 -19.31 0.27
C SER D 74 -1.16 -18.03 -0.24
N VAL D 75 -1.80 -16.90 0.00
CA VAL D 75 -1.30 -15.61 -0.49
C VAL D 75 -0.89 -14.70 0.66
N LYS D 76 -0.79 -15.27 1.85
CA LYS D 76 -0.50 -14.51 3.07
C LYS D 76 0.52 -13.40 2.88
N GLY D 77 1.79 -13.77 2.79
CA GLY D 77 2.87 -12.80 2.78
C GLY D 77 3.17 -12.18 1.42
N ARG D 78 2.33 -12.44 0.42
CA ARG D 78 2.57 -11.94 -0.92
C ARG D 78 1.51 -10.93 -1.35
N PHE D 79 0.24 -11.31 -1.19
CA PHE D 79 -0.87 -10.46 -1.60
C PHE D 79 -1.38 -9.63 -0.43
N THR D 80 -1.65 -8.34 -0.70
CA THR D 80 -2.31 -7.48 0.28
C THR D 80 -3.51 -6.80 -0.35
N ILE D 81 -4.46 -6.39 0.49
CA ILE D 81 -5.62 -5.65 0.02
C ILE D 81 -5.66 -4.27 0.68
N SER D 82 -6.17 -3.29 -0.08
CA SER D 82 -6.35 -1.95 0.45
C SER D 82 -7.54 -1.31 -0.26
N GLY D 83 -7.75 -0.03 -0.03
CA GLY D 83 -8.87 0.66 -0.67
C GLY D 83 -8.95 2.15 -0.42
N VAL D 84 -9.80 2.80 -1.21
CA VAL D 84 -10.07 4.22 -1.05
C VAL D 84 -11.57 4.46 -1.02
N ASN D 85 -12.13 4.57 0.18
CA ASN D 85 -13.57 4.67 0.39
C ASN D 85 -14.27 5.73 -0.46
N ALA D 86 -13.70 6.93 -0.52
CA ALA D 86 -14.33 8.06 -1.20
C ALA D 86 -14.47 7.87 -2.70
N LYS D 87 -13.66 7.00 -3.28
CA LYS D 87 -13.70 6.76 -4.72
C LYS D 87 -14.36 5.42 -5.06
N ASN D 88 -14.85 4.73 -4.03
CA ASN D 88 -15.49 3.44 -4.20
C ASN D 88 -14.56 2.43 -4.86
N THR D 89 -13.35 2.31 -4.32
CA THR D 89 -12.31 1.51 -4.96
C THR D 89 -11.56 0.60 -3.99
N VAL D 90 -11.35 -0.65 -4.39
CA VAL D 90 -10.50 -1.56 -3.65
C VAL D 90 -9.37 -2.07 -4.55
N TYR D 91 -8.25 -2.44 -3.94
CA TYR D 91 -7.08 -2.89 -4.68
C TYR D 91 -6.65 -4.29 -4.26
N LEU D 92 -5.98 -5.00 -5.16
CA LEU D 92 -5.34 -6.26 -4.82
C LEU D 92 -3.86 -6.20 -5.20
N GLN D 93 -3.01 -6.02 -4.20
CA GLN D 93 -1.57 -5.98 -4.43
C GLN D 93 -1.00 -7.38 -4.41
N MET D 94 -0.43 -7.80 -5.54
CA MET D 94 0.18 -9.12 -5.63
C MET D 94 1.70 -9.03 -5.72
N ASN D 95 2.37 -9.91 -4.97
CA ASN D 95 3.82 -9.97 -4.98
C ASN D 95 4.28 -11.42 -5.09
N SER D 96 5.56 -11.62 -5.37
CA SER D 96 6.12 -12.95 -5.49
C SER D 96 5.20 -13.84 -6.33
N LEU D 97 4.69 -13.29 -7.42
CA LEU D 97 3.77 -14.01 -8.29
C LEU D 97 4.40 -15.26 -8.88
N LYS D 98 3.61 -16.33 -8.95
CA LYS D 98 4.06 -17.58 -9.55
C LYS D 98 3.08 -18.00 -10.65
N PRO D 99 3.55 -18.84 -11.59
CA PRO D 99 2.70 -19.34 -12.68
C PRO D 99 1.37 -19.88 -12.15
N GLU D 100 1.36 -20.34 -10.90
CA GLU D 100 0.17 -20.91 -10.29
C GLU D 100 -0.88 -19.85 -9.96
N ASP D 101 -0.47 -18.58 -9.99
CA ASP D 101 -1.37 -17.48 -9.70
C ASP D 101 -2.11 -17.04 -10.96
N THR D 102 -1.78 -17.67 -12.08
CA THR D 102 -2.42 -17.36 -13.35
C THR D 102 -3.91 -17.69 -13.31
N ALA D 103 -4.74 -16.67 -13.51
CA ALA D 103 -6.19 -16.86 -13.53
C ALA D 103 -6.93 -15.56 -13.83
N VAL D 104 -8.24 -15.65 -13.98
CA VAL D 104 -9.08 -14.46 -14.07
C VAL D 104 -9.49 -14.04 -12.65
N TYR D 105 -9.23 -12.78 -12.31
CA TYR D 105 -9.57 -12.30 -10.99
C TYR D 105 -10.86 -11.49 -10.99
N TYR D 106 -11.80 -11.92 -10.14
CA TYR D 106 -13.07 -11.24 -10.00
C TYR D 106 -13.12 -10.52 -8.67
N CYS D 107 -13.82 -9.39 -8.64
CA CYS D 107 -14.14 -8.73 -7.40
C CYS D 107 -15.65 -8.78 -7.20
N ALA D 108 -16.06 -9.22 -6.02
CA ALA D 108 -17.48 -9.34 -5.72
C ALA D 108 -17.87 -8.42 -4.57
N ALA D 109 -19.16 -8.11 -4.47
CA ALA D 109 -19.66 -7.21 -3.43
C ALA D 109 -20.98 -7.71 -2.87
N GLY D 110 -21.29 -7.29 -1.64
CA GLY D 110 -22.53 -7.68 -0.98
C GLY D 110 -22.62 -7.21 0.46
N LEU D 111 -23.84 -7.09 0.97
CA LEU D 111 -24.06 -6.73 2.37
C LEU D 111 -23.53 -7.81 3.30
N ARG D 112 -23.40 -9.03 2.77
CA ARG D 112 -22.96 -10.17 3.56
C ARG D 112 -21.51 -10.51 3.29
N GLY D 113 -20.87 -9.72 2.43
CA GLY D 113 -19.47 -9.92 2.12
C GLY D 113 -18.55 -9.23 3.09
N GLY D 114 -17.26 -9.16 2.76
CA GLY D 114 -16.29 -8.52 3.62
C GLY D 114 -15.47 -9.53 4.39
N THR D 115 -14.79 -9.07 5.43
CA THR D 115 -14.01 -9.97 6.28
C THR D 115 -14.87 -11.13 6.77
N TYR D 116 -14.26 -12.31 6.84
CA TYR D 116 -14.92 -13.52 7.30
C TYR D 116 -15.85 -14.16 6.26
N ALA D 117 -16.20 -13.41 5.22
CA ALA D 117 -17.04 -13.93 4.15
C ALA D 117 -16.17 -14.43 3.01
N ARG D 118 -15.97 -15.75 2.96
CA ARG D 118 -14.94 -16.32 2.09
C ARG D 118 -15.46 -17.33 1.06
N THR D 119 -16.77 -17.36 0.87
CA THR D 119 -17.38 -18.21 -0.16
C THR D 119 -18.10 -17.35 -1.19
N ILE D 120 -18.25 -17.88 -2.40
CA ILE D 120 -18.83 -17.13 -3.51
C ILE D 120 -20.31 -16.82 -3.30
N TYR D 121 -20.96 -17.58 -2.44
CA TYR D 121 -22.39 -17.43 -2.20
C TYR D 121 -22.71 -16.30 -1.23
N GLU D 122 -21.68 -15.81 -0.55
CA GLU D 122 -21.85 -14.72 0.41
C GLU D 122 -21.74 -13.36 -0.29
N TYR D 123 -21.48 -13.39 -1.59
CA TYR D 123 -21.41 -12.16 -2.38
C TYR D 123 -22.50 -12.16 -3.47
N ASP D 124 -23.16 -11.02 -3.62
CA ASP D 124 -24.35 -10.93 -4.46
C ASP D 124 -24.13 -10.15 -5.76
N TYR D 125 -22.94 -9.61 -5.94
CA TYR D 125 -22.63 -8.84 -7.14
C TYR D 125 -21.21 -9.12 -7.61
N TRP D 126 -21.08 -9.38 -8.92
CA TRP D 126 -19.81 -9.82 -9.47
C TRP D 126 -19.38 -8.98 -10.67
N GLY D 127 -18.07 -8.87 -10.87
CA GLY D 127 -17.52 -8.18 -12.01
C GLY D 127 -17.22 -9.14 -13.15
N GLN D 128 -16.81 -8.59 -14.28
CA GLN D 128 -16.45 -9.41 -15.44
C GLN D 128 -15.10 -10.11 -15.22
N GLY D 129 -14.28 -9.53 -14.34
CA GLY D 129 -13.00 -10.11 -14.02
C GLY D 129 -11.87 -9.51 -14.84
N THR D 130 -10.64 -9.85 -14.49
CA THR D 130 -9.47 -9.43 -15.26
C THR D 130 -8.41 -10.52 -15.27
N GLN D 131 -7.93 -10.86 -16.45
CA GLN D 131 -6.97 -11.94 -16.61
C GLN D 131 -5.59 -11.58 -16.09
N VAL D 132 -5.05 -12.44 -15.21
CA VAL D 132 -3.68 -12.28 -14.75
C VAL D 132 -2.85 -13.49 -15.17
N THR D 133 -1.80 -13.25 -15.94
CA THR D 133 -0.95 -14.32 -16.44
C THR D 133 0.48 -14.14 -15.97
N VAL D 134 0.98 -15.12 -15.24
CA VAL D 134 2.35 -15.09 -14.74
C VAL D 134 3.23 -16.02 -15.55
N SER D 135 4.07 -15.44 -16.40
CA SER D 135 4.98 -16.20 -17.23
C SER D 135 6.07 -16.88 -16.40
N LEU D 136 6.94 -17.63 -17.07
CA LEU D 136 7.99 -18.39 -16.39
C LEU D 136 9.20 -17.53 -16.03
N GLU D 137 10.07 -18.09 -15.19
CA GLU D 137 11.26 -17.37 -14.73
C GLU D 137 12.25 -17.11 -15.86
N PRO D 138 12.75 -15.86 -15.93
CA PRO D 138 13.81 -15.48 -16.87
C PRO D 138 15.08 -16.30 -16.65
CL CL E . 20.16 -1.81 -14.84
CL CL F . 44.14 4.24 10.48
O1 PG4 G . 24.29 32.09 7.97
C1 PG4 G . 24.97 32.44 9.12
C2 PG4 G . 26.06 31.54 9.59
O2 PG4 G . 27.15 32.12 10.20
C3 PG4 G . 28.24 31.34 10.51
C4 PG4 G . 29.29 31.96 11.38
O3 PG4 G . 30.54 31.40 11.42
C5 PG4 G . 31.43 31.83 12.39
C6 PG4 G . 32.87 31.90 12.05
O4 PG4 G . 33.54 33.03 12.45
C7 PG4 G . 34.59 32.93 13.33
C2 PG4 H . 16.48 26.17 10.25
O2 PG4 H . 17.72 25.56 10.20
C3 PG4 H . 18.46 25.47 11.35
C4 PG4 H . 19.17 24.18 11.61
O3 PG4 H . 18.86 23.52 12.77
C5 PG4 H . 19.06 22.16 12.82
C6 PG4 H . 18.07 21.34 13.58
O4 PG4 H . 17.51 20.28 12.90
C7 PG4 H . 17.70 19.00 13.37
CL CL I . -41.68 -8.76 25.66
C1 EDO J . -17.87 -0.77 20.28
O1 EDO J . -18.43 -0.07 21.40
C2 EDO J . -17.03 0.19 19.45
O2 EDO J . -17.81 1.32 19.06
C1 EDO K . -10.27 -12.41 9.55
O1 EDO K . -9.62 -13.66 9.83
C2 EDO K . -9.24 -11.31 9.39
O2 EDO K . -9.90 -10.05 9.27
#